data_1ND3
#
_entry.id   1ND3
#
_cell.length_a   360.301
_cell.length_b   343.331
_cell.length_c   332.632
_cell.angle_alpha   90.00
_cell.angle_beta   90.00
_cell.angle_gamma   90.00
#
_symmetry.space_group_name_H-M   'P 2 21 21'
#
loop_
_entity.id
_entity.type
_entity.pdbx_description
1 polymer 'coat protein VP1'
2 polymer 'coat protein VP2'
3 polymer 'coat protein VP3'
4 polymer 'coat protein VP4'
5 non-polymer 'ZINC ION'
6 non-polymer 3-{3,5-DIMETHYL-4-[3-(3-METHYL-ISOXAZOL-5-YL)-PROPOXY]-PHENYL}-5-TRIFLUOROMETHYL-[1,2,4]OXADIAZOLE
7 water water
#
loop_
_entity_poly.entity_id
_entity_poly.type
_entity_poly.pdbx_seq_one_letter_code
_entity_poly.pdbx_strand_id
1 'polypeptide(L)'
;NPVERYVDEVLNEVLVVPNINQSHPTTSNAAPVLDAAETGHTNKIQPEDTIETRYVQSSQTLDEMSVESFLGRSGCIHES
VLDIVDNYNDQSFTKWNINLQEMAQIRRKFEMFTYARFDSEITMVPSVAAKDGHIGHIVMQYMYVPPGAPIPTTRDDYAW
QSGTNASVFWQHGQPFPRFSLPFLSIASAYYMFYDGYDGDTYKSRYGTVVTNDMGTLCSRIVTSEQLHKVKVVTRIYHKA
KHTKAWCPRPPRAVQYSHTHTTNYKLSSEVHNDVAIRPRTNLTTV
;
A
2 'polypeptide(L)'
;SPSVEACGYSDRIIQITRGDSTITSQDVANAVVGYGVWPHYLTPQDATAIDKPTQPDTSSNRFYTLDSKMWNSTSKGWWW
KLPDALKDMGIFGENMFYHFLGRSGYTVHVQCNASKFHQGTLLVVMIPEHQLATVNKGNVNAGYKYTHPGEAGREVGTQV
ENEKQPSDDNWLNFDGTLLGNLLIFPHQFINLRSNNSATLIVPYVNAVPMDSMVRHNNWSLVIIPVCQLQSNNISNIVPI
TVSISPMCAEFSGARAKTVVQ
;
B
3 'polypeptide(L)'
;GLPVYVTPGSGQFMTTDDMQSPCALPWYHPTKEIFIPGEVKNLIEMCQVDTLIPINSTQSNIGNVSMYTVTLSPQTKLAE
EIFAIKVDIASHPLATTLIGEIASYFTHWTGSLRFSFMFCGTANTTLKVLLAYTPPGIGKPRSRKEAMLGTHVVWDVGLQ
STVSLVVPWISASQYRFTTPDTYSSAGYITCWYQTNFVVPPNTPNTAEMLCFVSGCKDFCLRMARDTDLHKQTGPITQ
;
C
4 'polypeptide(L)' GAQVSRQNVGTHSTQNMVSNGSSINYFNINYFKDAASSGASRLDFSQDPSKFTDPVKDVLEKGIPTLQ D
#
loop_
_chem_comp.id
_chem_comp.type
_chem_comp.name
_chem_comp.formula
W11 non-polymer 3-{3,5-DIMETHYL-4-[3-(3-METHYL-ISOXAZOL-5-YL)-PROPOXY]-PHENYL}-5-TRIFLUOROMETHYL-[1,2,4]OXADIAZOLE 'C18 H18 F3 N3 O3'
ZN non-polymer 'ZINC ION' 'Zn 2'
#
# COMPACT_ATOMS: atom_id res chain seq x y z
N ASN A 1 -8.31 -34.75 -1.38
CA ASN A 1 -8.94 -35.21 -0.11
C ASN A 1 -9.28 -34.04 0.79
N PRO A 2 -10.58 -33.82 1.04
CA PRO A 2 -11.03 -32.72 1.91
C PRO A 2 -10.59 -32.96 3.36
N VAL A 3 -10.07 -34.16 3.62
CA VAL A 3 -9.57 -34.54 4.94
C VAL A 3 -8.06 -34.25 4.94
N GLU A 4 -7.46 -34.39 3.76
CA GLU A 4 -6.04 -34.12 3.56
C GLU A 4 -5.90 -32.60 3.61
N ARG A 5 -6.98 -31.93 3.20
CA ARG A 5 -7.07 -30.49 3.19
C ARG A 5 -7.07 -30.01 4.65
N TYR A 6 -7.85 -30.72 5.47
CA TYR A 6 -7.99 -30.41 6.88
C TYR A 6 -6.70 -30.60 7.70
N VAL A 7 -5.95 -31.66 7.39
CA VAL A 7 -4.70 -31.91 8.10
C VAL A 7 -3.74 -30.76 7.86
N ASP A 8 -3.79 -30.19 6.66
CA ASP A 8 -2.92 -29.07 6.29
C ASP A 8 -3.29 -27.80 7.05
N GLU A 9 -4.58 -27.62 7.35
CA GLU A 9 -5.03 -26.44 8.09
C GLU A 9 -4.61 -26.53 9.55
N VAL A 10 -4.66 -27.72 10.10
CA VAL A 10 -4.29 -27.92 11.50
C VAL A 10 -2.79 -27.71 11.68
N LEU A 11 -2.01 -28.14 10.69
CA LEU A 11 -0.56 -27.99 10.73
C LEU A 11 -0.08 -26.67 10.13
N ASN A 12 -1.00 -25.99 9.44
CA ASN A 12 -0.70 -24.71 8.80
C ASN A 12 0.35 -24.87 7.71
N GLU A 13 0.10 -25.84 6.82
CA GLU A 13 0.99 -26.13 5.71
C GLU A 13 0.21 -26.12 4.39
N VAL A 14 -0.66 -25.13 4.21
CA VAL A 14 -1.45 -25.02 3.00
C VAL A 14 -0.67 -24.36 1.87
N LEU A 15 0.13 -23.35 2.21
CA LEU A 15 0.93 -22.63 1.22
C LEU A 15 2.42 -22.86 1.51
N VAL A 16 3.00 -23.85 0.84
CA VAL A 16 4.42 -24.17 1.04
C VAL A 16 5.33 -23.33 0.14
N VAL A 17 6.57 -23.11 0.59
CA VAL A 17 7.50 -22.34 -0.21
C VAL A 17 8.38 -23.33 -0.97
N PRO A 18 8.84 -22.95 -2.17
CA PRO A 18 9.69 -23.83 -2.97
C PRO A 18 11.05 -24.15 -2.36
N ASN A 19 11.63 -25.27 -2.81
CA ASN A 19 12.94 -25.71 -2.33
C ASN A 19 14.05 -24.99 -3.08
N ILE A 20 15.26 -25.09 -2.54
CA ILE A 20 16.43 -24.52 -3.19
C ILE A 20 17.11 -25.75 -3.79
N ASN A 21 17.41 -25.69 -5.09
CA ASN A 21 18.06 -26.82 -5.74
C ASN A 21 19.54 -26.60 -5.84
N GLN A 22 20.30 -27.68 -6.00
CA GLN A 22 21.73 -27.57 -6.13
C GLN A 22 22.05 -26.92 -7.47
N SER A 23 23.03 -26.02 -7.49
CA SER A 23 23.42 -25.36 -8.72
C SER A 23 24.91 -25.60 -8.91
N HIS A 24 25.44 -25.24 -10.08
CA HIS A 24 26.85 -25.47 -10.37
C HIS A 24 27.53 -24.25 -10.98
N PRO A 25 28.87 -24.27 -11.04
CA PRO A 25 29.58 -23.13 -11.63
C PRO A 25 29.15 -22.98 -13.07
N THR A 26 29.04 -21.76 -13.57
CA THR A 26 28.63 -21.56 -14.95
C THR A 26 29.45 -20.51 -15.67
N THR A 27 29.43 -20.58 -17.00
CA THR A 27 30.15 -19.66 -17.86
C THR A 27 29.31 -19.54 -19.13
N SER A 28 28.53 -18.48 -19.27
CA SER A 28 27.71 -18.31 -20.46
C SER A 28 27.40 -16.85 -20.73
N ASN A 29 26.83 -16.56 -21.89
CA ASN A 29 26.48 -15.18 -22.20
C ASN A 29 25.03 -14.88 -21.82
N ALA A 30 24.47 -15.75 -20.99
CA ALA A 30 23.12 -15.56 -20.47
C ALA A 30 23.44 -14.99 -19.10
N ALA A 31 23.16 -13.72 -18.90
CA ALA A 31 23.47 -13.09 -17.62
C ALA A 31 22.21 -12.70 -16.84
N PRO A 32 21.66 -13.65 -16.06
CA PRO A 32 20.46 -13.40 -15.25
C PRO A 32 20.61 -12.24 -14.27
N VAL A 33 21.79 -12.06 -13.67
CA VAL A 33 21.96 -10.98 -12.70
C VAL A 33 21.88 -9.59 -13.33
N LEU A 34 21.93 -9.51 -14.65
CA LEU A 34 21.82 -8.23 -15.34
C LEU A 34 20.40 -8.02 -15.83
N ASP A 35 19.92 -6.78 -15.75
CA ASP A 35 18.56 -6.49 -16.20
C ASP A 35 18.31 -4.99 -16.32
N ALA A 36 17.04 -4.60 -16.35
CA ALA A 36 16.67 -3.19 -16.47
C ALA A 36 15.47 -2.86 -15.59
N ALA A 37 15.74 -2.17 -14.49
CA ALA A 37 14.67 -1.78 -13.56
C ALA A 37 13.71 -0.79 -14.22
N GLU A 38 14.14 -0.19 -15.33
CA GLU A 38 13.30 0.78 -16.03
C GLU A 38 12.00 0.15 -16.51
N THR A 39 12.05 -1.15 -16.78
CA THR A 39 10.89 -1.88 -17.26
C THR A 39 9.74 -1.89 -16.26
N GLY A 40 10.05 -1.68 -14.98
CA GLY A 40 9.03 -1.68 -13.96
C GLY A 40 8.78 -3.08 -13.41
N HIS A 41 9.58 -4.04 -13.84
CA HIS A 41 9.47 -5.42 -13.38
C HIS A 41 10.65 -5.75 -12.48
N THR A 42 10.43 -6.63 -11.52
CA THR A 42 11.51 -7.04 -10.62
C THR A 42 12.29 -8.16 -11.29
N ASN A 43 13.62 -8.10 -11.19
CA ASN A 43 14.47 -9.14 -11.78
C ASN A 43 14.04 -10.43 -11.08
N LYS A 44 13.76 -11.47 -11.85
CA LYS A 44 13.31 -12.71 -11.23
C LYS A 44 14.40 -13.71 -10.88
N ILE A 45 15.63 -13.22 -10.76
CA ILE A 45 16.76 -14.05 -10.43
C ILE A 45 16.63 -14.69 -9.04
N GLN A 46 17.06 -15.94 -8.92
CA GLN A 46 17.00 -16.65 -7.64
C GLN A 46 18.41 -17.00 -7.20
N PRO A 47 18.60 -17.39 -5.92
CA PRO A 47 19.94 -17.73 -5.43
C PRO A 47 20.73 -18.76 -6.23
N GLU A 48 20.05 -19.74 -6.81
CA GLU A 48 20.76 -20.76 -7.60
C GLU A 48 21.50 -20.15 -8.79
N ASP A 49 21.09 -18.97 -9.21
CA ASP A 49 21.70 -18.30 -10.35
C ASP A 49 22.96 -17.48 -10.07
N THR A 50 23.16 -17.06 -8.83
CA THR A 50 24.34 -16.26 -8.50
C THR A 50 25.43 -17.01 -7.75
N ILE A 51 25.06 -17.98 -6.93
CA ILE A 51 26.08 -18.75 -6.22
C ILE A 51 25.82 -20.24 -6.45
N GLU A 52 26.77 -21.08 -6.04
CA GLU A 52 26.58 -22.52 -6.16
C GLU A 52 25.86 -22.94 -4.89
N THR A 53 24.60 -23.31 -5.02
CA THR A 53 23.81 -23.71 -3.87
C THR A 53 23.75 -25.22 -3.70
N ARG A 54 23.36 -25.64 -2.51
CA ARG A 54 23.19 -27.06 -2.21
C ARG A 54 21.69 -27.30 -2.34
N TYR A 55 21.29 -28.55 -2.21
CA TYR A 55 19.87 -28.86 -2.28
C TYR A 55 19.32 -28.75 -0.85
N VAL A 56 18.27 -27.97 -0.68
CA VAL A 56 17.66 -27.79 0.64
C VAL A 56 16.15 -27.95 0.53
N GLN A 57 15.59 -28.74 1.44
CA GLN A 57 14.17 -29.02 1.46
C GLN A 57 13.44 -28.02 2.36
N SER A 58 12.80 -27.03 1.76
CA SER A 58 12.08 -25.99 2.50
C SER A 58 10.82 -26.51 3.21
N SER A 59 10.64 -26.08 4.46
CA SER A 59 9.50 -26.48 5.27
C SER A 59 8.59 -25.31 5.61
N GLN A 60 9.08 -24.10 5.38
CA GLN A 60 8.33 -22.88 5.67
C GLN A 60 6.99 -22.85 4.93
N THR A 61 6.03 -22.15 5.50
CA THR A 61 4.71 -22.01 4.88
C THR A 61 4.33 -20.54 4.93
N LEU A 62 3.47 -20.12 4.00
CA LEU A 62 3.06 -18.73 3.90
C LEU A 62 1.68 -18.45 4.49
N ASP A 63 1.07 -19.47 5.09
CA ASP A 63 -0.26 -19.34 5.68
C ASP A 63 -0.45 -18.06 6.51
N GLU A 64 0.48 -17.82 7.44
CA GLU A 64 0.38 -16.67 8.31
C GLU A 64 0.53 -15.32 7.63
N MET A 65 1.03 -15.32 6.40
CA MET A 65 1.20 -14.09 5.64
C MET A 65 0.00 -13.81 4.73
N SER A 66 -1.00 -14.67 4.80
CA SER A 66 -2.19 -14.49 3.98
C SER A 66 -2.94 -13.26 4.43
N VAL A 67 -3.72 -12.67 3.52
CA VAL A 67 -4.50 -11.48 3.86
C VAL A 67 -5.48 -11.79 4.99
N GLU A 68 -6.05 -13.00 4.98
CA GLU A 68 -7.00 -13.40 6.00
C GLU A 68 -6.35 -13.32 7.38
N SER A 69 -5.10 -13.77 7.47
CA SER A 69 -4.36 -13.75 8.72
C SER A 69 -3.89 -12.35 9.11
N PHE A 70 -3.45 -11.58 8.13
CA PHE A 70 -2.94 -10.24 8.39
C PHE A 70 -4.00 -9.30 8.95
N LEU A 71 -5.22 -9.38 8.42
CA LEU A 71 -6.29 -8.51 8.90
C LEU A 71 -7.26 -9.23 9.82
N GLY A 72 -6.99 -10.50 10.11
CA GLY A 72 -7.88 -11.28 10.95
C GLY A 72 -7.63 -11.32 12.44
N ARG A 73 -7.25 -10.19 13.02
CA ARG A 73 -6.99 -10.12 14.45
C ARG A 73 -7.74 -8.93 15.05
N SER A 74 -8.41 -9.14 16.17
CA SER A 74 -9.16 -8.08 16.81
C SER A 74 -8.30 -6.96 17.37
N GLY A 75 -8.61 -5.74 16.95
CA GLY A 75 -7.88 -4.58 17.41
C GLY A 75 -8.89 -3.56 17.88
N CYS A 76 -8.47 -2.67 18.78
CA CYS A 76 -9.37 -1.65 19.29
C CYS A 76 -9.64 -0.59 18.23
N ILE A 77 -10.90 -0.14 18.14
CA ILE A 77 -11.24 0.88 17.16
C ILE A 77 -11.96 2.06 17.80
N HIS A 78 -12.28 1.93 19.09
CA HIS A 78 -13.01 2.99 19.79
C HIS A 78 -13.07 2.72 21.29
N GLU A 79 -13.10 3.79 22.08
CA GLU A 79 -13.20 3.71 23.53
C GLU A 79 -14.30 4.66 23.95
N SER A 80 -15.49 4.11 24.19
CA SER A 80 -16.64 4.90 24.59
C SER A 80 -16.66 5.20 26.09
N VAL A 81 -16.95 6.44 26.44
CA VAL A 81 -16.99 6.82 27.86
C VAL A 81 -18.32 7.37 28.33
N LEU A 82 -18.82 6.82 29.42
CA LEU A 82 -20.06 7.28 30.04
C LEU A 82 -19.62 7.58 31.47
N ASP A 83 -19.37 8.85 31.75
CA ASP A 83 -18.90 9.27 33.07
C ASP A 83 -19.95 10.05 33.83
N ILE A 84 -20.51 9.46 34.88
CA ILE A 84 -21.52 10.14 35.67
C ILE A 84 -20.85 11.11 36.63
N VAL A 85 -21.02 12.40 36.36
CA VAL A 85 -20.42 13.44 37.18
C VAL A 85 -21.42 14.21 38.03
N ASP A 86 -22.45 14.77 37.40
CA ASP A 86 -23.44 15.54 38.15
C ASP A 86 -24.86 15.53 37.57
N ASN A 87 -25.06 14.87 36.43
CA ASN A 87 -26.38 14.81 35.83
C ASN A 87 -26.57 13.46 35.14
N TYR A 88 -27.28 12.55 35.79
CA TYR A 88 -27.49 11.23 35.21
C TYR A 88 -28.17 11.25 33.86
N ASN A 89 -29.27 11.99 33.75
CA ASN A 89 -29.99 12.06 32.49
C ASN A 89 -29.16 12.48 31.29
N ASP A 90 -28.19 13.38 31.50
CA ASP A 90 -27.36 13.84 30.40
C ASP A 90 -26.10 13.03 30.17
N GLN A 91 -25.58 12.45 31.25
CA GLN A 91 -24.33 11.71 31.17
C GLN A 91 -24.41 10.18 31.04
N SER A 92 -25.62 9.62 31.12
CA SER A 92 -25.77 8.17 31.03
C SER A 92 -25.96 7.59 29.63
N PHE A 93 -25.77 8.41 28.60
CA PHE A 93 -25.89 7.93 27.23
C PHE A 93 -25.00 8.76 26.30
N THR A 94 -24.65 8.20 25.16
CA THR A 94 -23.80 8.89 24.20
C THR A 94 -23.92 8.27 22.82
N LYS A 95 -23.19 8.80 21.85
CA LYS A 95 -23.23 8.28 20.49
C LYS A 95 -21.88 8.41 19.81
N TRP A 96 -21.64 7.57 18.82
CA TRP A 96 -20.38 7.56 18.07
C TRP A 96 -20.61 7.33 16.59
N ASN A 97 -20.03 8.18 15.76
CA ASN A 97 -20.14 8.05 14.30
C ASN A 97 -19.10 6.99 13.94
N ILE A 98 -19.57 5.78 13.67
CA ILE A 98 -18.74 4.62 13.35
C ILE A 98 -17.72 4.81 12.21
N ASN A 99 -16.52 4.29 12.43
CA ASN A 99 -15.44 4.34 11.44
C ASN A 99 -14.24 3.54 11.96
N LEU A 100 -13.29 3.24 11.08
CA LEU A 100 -12.10 2.49 11.48
C LEU A 100 -10.87 3.38 11.33
N GLN A 101 -11.06 4.68 11.54
CA GLN A 101 -10.00 5.67 11.39
C GLN A 101 -9.36 6.23 12.66
N GLU A 102 -9.98 6.01 13.81
CA GLU A 102 -9.47 6.57 15.06
C GLU A 102 -8.31 5.91 15.77
N MET A 103 -8.04 4.64 15.48
CA MET A 103 -6.94 3.95 16.13
C MET A 103 -5.91 3.58 15.08
N ALA A 104 -4.71 4.12 15.24
CA ALA A 104 -3.63 3.91 14.30
C ALA A 104 -3.25 2.47 13.96
N GLN A 105 -3.16 1.61 14.96
CA GLN A 105 -2.75 0.24 14.67
C GLN A 105 -3.54 -0.51 13.62
N ILE A 106 -4.86 -0.58 13.73
CA ILE A 106 -5.58 -1.31 12.70
C ILE A 106 -5.78 -0.48 11.44
N ARG A 107 -5.87 0.83 11.60
CA ARG A 107 -6.05 1.69 10.43
C ARG A 107 -4.90 1.52 9.44
N ARG A 108 -3.67 1.51 9.95
CA ARG A 108 -2.51 1.38 9.09
C ARG A 108 -2.51 0.07 8.33
N LYS A 109 -2.93 -1.02 8.97
CA LYS A 109 -2.95 -2.31 8.31
C LYS A 109 -3.94 -2.33 7.14
N PHE A 110 -5.17 -1.90 7.38
CA PHE A 110 -6.14 -1.89 6.29
C PHE A 110 -5.73 -0.95 5.17
N GLU A 111 -5.07 0.15 5.53
CA GLU A 111 -4.67 1.11 4.52
C GLU A 111 -3.45 0.69 3.71
N MET A 112 -3.11 -0.59 3.78
CA MET A 112 -2.00 -1.08 2.98
C MET A 112 -2.59 -1.65 1.70
N PHE A 113 -3.90 -1.42 1.55
CA PHE A 113 -4.64 -1.85 0.38
C PHE A 113 -5.54 -0.69 -0.01
N THR A 114 -5.93 -0.63 -1.28
CA THR A 114 -6.80 0.44 -1.77
C THR A 114 -8.26 0.09 -1.53
N TYR A 115 -8.61 -1.17 -1.76
CA TYR A 115 -9.97 -1.64 -1.55
C TYR A 115 -9.91 -2.94 -0.75
N ALA A 116 -10.95 -3.19 0.03
CA ALA A 116 -11.03 -4.41 0.82
C ALA A 116 -12.48 -4.75 1.05
N ARG A 117 -12.78 -6.05 1.00
CA ARG A 117 -14.14 -6.55 1.20
C ARG A 117 -14.05 -7.60 2.29
N PHE A 118 -14.85 -7.45 3.34
CA PHE A 118 -14.80 -8.40 4.44
C PHE A 118 -16.00 -8.31 5.38
N ASP A 119 -16.20 -9.34 6.18
CA ASP A 119 -17.26 -9.36 7.16
C ASP A 119 -16.56 -8.92 8.44
N SER A 120 -17.32 -8.46 9.42
CA SER A 120 -16.71 -7.99 10.65
C SER A 120 -17.18 -8.72 11.90
N GLU A 121 -16.28 -8.85 12.86
CA GLU A 121 -16.63 -9.46 14.13
C GLU A 121 -16.36 -8.37 15.14
N ILE A 122 -17.40 -7.91 15.82
CA ILE A 122 -17.26 -6.87 16.83
C ILE A 122 -17.31 -7.50 18.22
N THR A 123 -16.35 -7.16 19.06
CA THR A 123 -16.31 -7.67 20.43
C THR A 123 -16.21 -6.44 21.32
N MET A 124 -17.01 -6.41 22.39
CA MET A 124 -17.00 -5.26 23.30
C MET A 124 -16.50 -5.60 24.69
N VAL A 125 -15.61 -4.76 25.20
CA VAL A 125 -15.05 -4.95 26.53
C VAL A 125 -15.48 -3.79 27.43
N PRO A 126 -16.56 -3.96 28.19
CA PRO A 126 -17.04 -2.91 29.09
C PRO A 126 -16.37 -3.04 30.46
N SER A 127 -16.03 -1.92 31.09
CA SER A 127 -15.46 -1.96 32.42
C SER A 127 -16.05 -0.81 33.24
N VAL A 128 -16.66 -1.17 34.37
CA VAL A 128 -17.31 -0.21 35.25
C VAL A 128 -16.44 0.20 36.43
N ALA A 129 -16.05 1.48 36.46
CA ALA A 129 -15.23 1.99 37.56
C ALA A 129 -16.11 2.60 38.64
N ALA A 130 -15.92 2.15 39.88
CA ALA A 130 -16.69 2.65 41.01
C ALA A 130 -16.04 3.91 41.57
N LYS A 131 -16.61 5.06 41.23
CA LYS A 131 -16.08 6.34 41.69
C LYS A 131 -16.42 6.63 43.14
N ASP A 132 -17.55 6.09 43.60
CA ASP A 132 -17.99 6.31 44.97
C ASP A 132 -18.00 5.07 45.83
N GLY A 133 -17.74 3.90 45.24
CA GLY A 133 -17.73 2.67 46.01
C GLY A 133 -18.41 1.49 45.35
N HIS A 134 -19.72 1.55 45.17
CA HIS A 134 -20.46 0.43 44.56
C HIS A 134 -20.91 0.78 43.16
N ILE A 135 -21.39 -0.23 42.44
CA ILE A 135 -21.42 -0.31 40.97
C ILE A 135 -22.87 -0.73 40.79
N GLY A 136 -23.46 -1.33 41.83
CA GLY A 136 -24.84 -1.77 41.75
C GLY A 136 -25.03 -2.86 40.71
N HIS A 137 -26.09 -2.74 39.92
CA HIS A 137 -26.38 -3.70 38.87
C HIS A 137 -26.34 -2.94 37.55
N ILE A 138 -25.20 -2.99 36.86
CA ILE A 138 -25.06 -2.29 35.59
C ILE A 138 -25.51 -3.09 34.38
N VAL A 139 -26.47 -2.55 33.64
CA VAL A 139 -26.96 -3.18 32.42
C VAL A 139 -26.78 -2.13 31.32
N MET A 140 -26.09 -2.51 30.24
CA MET A 140 -25.81 -1.61 29.13
C MET A 140 -26.60 -1.96 27.88
N GLN A 141 -26.84 -0.95 27.04
CA GLN A 141 -27.53 -1.17 25.78
C GLN A 141 -26.73 -0.51 24.67
N TYR A 142 -26.33 -1.29 23.68
CA TYR A 142 -25.58 -0.76 22.53
C TYR A 142 -26.49 -0.94 21.34
N MET A 143 -26.81 0.16 20.66
CA MET A 143 -27.72 0.10 19.53
C MET A 143 -27.11 0.65 18.26
N TYR A 144 -27.26 -0.10 17.17
CA TYR A 144 -26.73 0.31 15.88
C TYR A 144 -27.80 1.10 15.14
N VAL A 145 -27.50 2.37 14.88
CA VAL A 145 -28.45 3.23 14.16
C VAL A 145 -27.91 3.47 12.76
N PRO A 146 -28.42 2.73 11.76
CA PRO A 146 -27.97 2.90 10.38
C PRO A 146 -28.29 4.31 9.93
N PRO A 147 -27.55 4.84 8.95
CA PRO A 147 -27.84 6.20 8.50
C PRO A 147 -29.31 6.37 8.12
N GLY A 148 -29.94 7.40 8.69
CA GLY A 148 -31.33 7.66 8.41
C GLY A 148 -32.25 7.39 9.57
N ALA A 149 -31.92 6.40 10.39
CA ALA A 149 -32.75 6.07 11.55
C ALA A 149 -32.67 7.17 12.60
N PRO A 150 -33.70 7.33 13.44
CA PRO A 150 -33.71 8.36 14.48
C PRO A 150 -32.67 8.14 15.57
N ILE A 151 -31.93 9.20 15.88
CA ILE A 151 -30.90 9.16 16.91
C ILE A 151 -31.46 9.65 18.25
N PRO A 152 -31.32 8.85 19.31
CA PRO A 152 -31.85 9.27 20.61
C PRO A 152 -31.21 10.54 21.17
N THR A 153 -32.04 11.42 21.74
CA THR A 153 -31.54 12.67 22.31
C THR A 153 -31.71 12.76 23.82
N THR A 154 -32.21 11.70 24.44
CA THR A 154 -32.38 11.64 25.90
C THR A 154 -32.25 10.18 26.27
N ARG A 155 -32.03 9.88 27.54
CA ARG A 155 -31.88 8.47 27.92
C ARG A 155 -33.18 7.69 27.82
N ASP A 156 -34.31 8.38 27.64
CA ASP A 156 -35.59 7.69 27.52
C ASP A 156 -36.26 7.91 26.18
N ASP A 157 -35.48 8.33 25.21
CA ASP A 157 -35.98 8.58 23.86
C ASP A 157 -36.69 7.32 23.35
N TYR A 158 -37.73 7.49 22.55
CA TYR A 158 -38.45 6.35 22.03
C TYR A 158 -37.57 5.47 21.14
N ALA A 159 -36.53 6.05 20.56
CA ALA A 159 -35.63 5.28 19.70
C ALA A 159 -34.97 4.10 20.41
N TRP A 160 -34.88 4.15 21.73
CA TRP A 160 -34.26 3.04 22.45
C TRP A 160 -35.12 1.78 22.43
N GLN A 161 -36.37 1.90 21.99
CA GLN A 161 -37.26 0.74 21.91
C GLN A 161 -36.63 -0.29 20.97
N SER A 162 -35.87 0.20 20.00
CA SER A 162 -35.18 -0.65 19.05
C SER A 162 -36.13 -1.61 18.32
N GLY A 163 -37.26 -1.08 17.87
CA GLY A 163 -38.22 -1.90 17.17
C GLY A 163 -37.69 -2.57 15.91
N THR A 164 -36.69 -1.97 15.28
CA THR A 164 -36.12 -2.56 14.08
C THR A 164 -34.59 -2.57 14.09
N ASN A 165 -33.98 -1.61 14.77
CA ASN A 165 -32.52 -1.56 14.83
C ASN A 165 -32.01 -2.74 15.66
N ALA A 166 -30.73 -3.06 15.52
CA ALA A 166 -30.14 -4.13 16.28
C ALA A 166 -29.55 -3.56 17.57
N SER A 167 -29.91 -4.17 18.69
CA SER A 167 -29.38 -3.74 19.97
C SER A 167 -28.81 -4.95 20.69
N VAL A 168 -27.75 -4.72 21.47
CA VAL A 168 -27.15 -5.78 22.26
C VAL A 168 -27.21 -5.29 23.69
N PHE A 169 -27.81 -6.10 24.56
CA PHE A 169 -27.88 -5.76 25.97
C PHE A 169 -26.86 -6.60 26.69
N TRP A 170 -26.07 -5.95 27.53
CA TRP A 170 -25.06 -6.64 28.30
C TRP A 170 -25.29 -6.39 29.78
N GLN A 171 -25.10 -7.44 30.57
CA GLN A 171 -25.28 -7.36 32.00
C GLN A 171 -23.92 -7.57 32.64
N HIS A 172 -23.57 -6.67 33.55
CA HIS A 172 -22.29 -6.78 34.23
C HIS A 172 -22.14 -8.14 34.91
N GLY A 173 -20.99 -8.78 34.69
CA GLY A 173 -20.76 -10.09 35.25
C GLY A 173 -20.87 -11.19 34.21
N GLN A 174 -21.51 -10.88 33.08
CA GLN A 174 -21.67 -11.84 31.99
C GLN A 174 -20.52 -11.68 31.01
N PRO A 175 -20.31 -12.67 30.14
CA PRO A 175 -19.22 -12.61 29.14
C PRO A 175 -19.30 -11.37 28.24
N PHE A 176 -18.17 -11.03 27.64
CA PHE A 176 -18.10 -9.88 26.75
C PHE A 176 -19.02 -10.05 25.55
N PRO A 177 -19.80 -9.01 25.22
CA PRO A 177 -20.69 -9.16 24.06
C PRO A 177 -19.92 -9.25 22.73
N ARG A 178 -20.50 -9.97 21.78
CA ARG A 178 -19.88 -10.14 20.47
C ARG A 178 -20.91 -10.51 19.40
N PHE A 179 -20.68 -10.04 18.19
CA PHE A 179 -21.57 -10.35 17.07
C PHE A 179 -20.88 -10.11 15.75
N SER A 180 -21.46 -10.66 14.68
CA SER A 180 -20.89 -10.51 13.35
C SER A 180 -21.71 -9.57 12.50
N LEU A 181 -21.05 -8.95 11.54
CA LEU A 181 -21.69 -8.04 10.61
C LEU A 181 -21.23 -8.46 9.25
N PRO A 182 -22.15 -8.50 8.29
CA PRO A 182 -21.78 -8.88 6.93
C PRO A 182 -21.20 -7.67 6.22
N PHE A 183 -20.56 -7.88 5.07
CA PHE A 183 -19.99 -6.77 4.30
C PHE A 183 -21.14 -5.76 4.07
N LEU A 184 -20.96 -4.54 4.56
CA LEU A 184 -22.01 -3.51 4.52
C LEU A 184 -22.08 -2.45 3.42
N SER A 185 -21.06 -2.34 2.58
CA SER A 185 -21.06 -1.30 1.56
C SER A 185 -22.14 -1.41 0.49
N ILE A 186 -22.44 -0.28 -0.14
CA ILE A 186 -23.42 -0.26 -1.21
C ILE A 186 -22.63 -0.52 -2.50
N ALA A 187 -21.31 -0.65 -2.37
CA ALA A 187 -20.43 -0.94 -3.49
C ALA A 187 -19.90 -2.38 -3.31
N SER A 188 -19.00 -2.82 -4.19
CA SER A 188 -18.47 -4.17 -4.09
C SER A 188 -17.36 -4.32 -3.07
N ALA A 189 -16.79 -3.20 -2.66
CA ALA A 189 -15.71 -3.23 -1.69
C ALA A 189 -15.67 -1.92 -0.93
N TYR A 190 -15.03 -1.92 0.24
CA TYR A 190 -14.89 -0.71 1.02
C TYR A 190 -13.75 0.08 0.40
N TYR A 191 -13.84 1.41 0.44
CA TYR A 191 -12.77 2.25 -0.09
C TYR A 191 -11.83 2.56 1.07
N MET A 192 -10.56 2.21 0.94
CA MET A 192 -9.60 2.54 1.99
C MET A 192 -9.15 3.96 1.68
N PHE A 193 -9.23 4.31 0.39
CA PHE A 193 -8.87 5.63 -0.11
C PHE A 193 -9.85 6.01 -1.21
N TYR A 194 -10.11 7.30 -1.37
CA TYR A 194 -11.06 7.75 -2.39
C TYR A 194 -10.67 9.13 -2.91
N ASP A 195 -10.15 9.17 -4.14
CA ASP A 195 -9.75 10.44 -4.75
C ASP A 195 -10.96 11.08 -5.42
N GLY A 196 -11.98 11.39 -4.63
CA GLY A 196 -13.19 11.99 -5.18
C GLY A 196 -13.92 12.91 -4.23
N TYR A 197 -14.96 13.56 -4.74
CA TYR A 197 -15.76 14.51 -3.97
C TYR A 197 -17.24 14.17 -4.03
N ASP A 198 -18.02 14.85 -3.21
CA ASP A 198 -19.47 14.63 -3.21
C ASP A 198 -20.13 15.77 -3.99
N GLY A 199 -19.35 16.42 -4.85
CA GLY A 199 -19.85 17.52 -5.65
C GLY A 199 -18.74 18.08 -6.52
N ASP A 200 -18.98 19.19 -7.18
CA ASP A 200 -17.95 19.80 -8.04
C ASP A 200 -17.67 21.28 -7.76
N THR A 201 -17.80 21.69 -6.50
CA THR A 201 -17.54 23.07 -6.13
C THR A 201 -16.46 23.17 -5.08
N TYR A 202 -15.99 24.39 -4.83
CA TYR A 202 -14.92 24.61 -3.85
C TYR A 202 -15.33 24.20 -2.44
N LYS A 203 -16.61 23.97 -2.23
CA LYS A 203 -17.07 23.58 -0.90
C LYS A 203 -17.46 22.10 -0.77
N SER A 204 -17.18 21.31 -1.81
CA SER A 204 -17.49 19.88 -1.78
C SER A 204 -16.49 19.14 -0.88
N ARG A 205 -16.94 18.09 -0.22
CA ARG A 205 -16.07 17.31 0.65
C ARG A 205 -15.21 16.34 -0.18
N TYR A 206 -14.02 16.04 0.33
CA TYR A 206 -13.06 15.18 -0.35
C TYR A 206 -12.70 13.97 0.50
N GLY A 207 -12.42 12.84 -0.16
CA GLY A 207 -12.02 11.66 0.58
C GLY A 207 -13.07 10.65 0.99
N THR A 208 -12.63 9.67 1.77
CA THR A 208 -13.49 8.58 2.24
C THR A 208 -14.70 8.98 3.07
N VAL A 209 -14.73 10.21 3.57
CA VAL A 209 -15.89 10.61 4.35
C VAL A 209 -17.11 10.60 3.45
N VAL A 210 -16.86 10.77 2.15
CA VAL A 210 -17.90 10.79 1.14
C VAL A 210 -18.52 9.41 0.89
N THR A 211 -17.71 8.37 1.03
CA THR A 211 -18.15 7.02 0.74
C THR A 211 -18.29 6.05 1.92
N ASN A 212 -17.68 6.37 3.05
CA ASN A 212 -17.69 5.47 4.20
C ASN A 212 -18.65 5.75 5.36
N ASP A 213 -19.88 6.17 5.07
CA ASP A 213 -20.84 6.43 6.14
C ASP A 213 -21.35 5.07 6.64
N MET A 214 -21.08 4.78 7.91
CA MET A 214 -21.48 3.51 8.50
C MET A 214 -22.60 3.62 9.52
N GLY A 215 -23.05 4.85 9.79
CA GLY A 215 -24.10 5.04 10.76
C GLY A 215 -23.56 5.39 12.13
N THR A 216 -24.43 5.32 13.14
CA THR A 216 -24.04 5.68 14.50
C THR A 216 -24.24 4.56 15.50
N LEU A 217 -23.37 4.51 16.52
CA LEU A 217 -23.48 3.54 17.58
C LEU A 217 -23.94 4.32 18.81
N CYS A 218 -25.17 4.06 19.24
CA CYS A 218 -25.73 4.73 20.41
C CYS A 218 -25.74 3.79 21.58
N SER A 219 -25.29 4.27 22.73
CA SER A 219 -25.26 3.42 23.91
C SER A 219 -25.74 4.18 25.14
N ARG A 220 -26.21 3.43 26.14
CA ARG A 220 -26.70 4.03 27.37
C ARG A 220 -26.66 3.00 28.50
N ILE A 221 -26.67 3.50 29.72
CA ILE A 221 -26.71 2.62 30.87
C ILE A 221 -28.22 2.40 31.03
N VAL A 222 -28.66 1.16 30.90
CA VAL A 222 -30.08 0.85 31.01
C VAL A 222 -30.57 1.07 32.43
N THR A 223 -29.74 0.68 33.40
CA THR A 223 -30.06 0.82 34.81
C THR A 223 -30.41 2.29 35.10
N SER A 224 -31.41 2.53 35.94
CA SER A 224 -31.76 3.90 36.26
C SER A 224 -30.78 4.48 37.28
N GLU A 225 -30.88 5.78 37.54
CA GLU A 225 -29.96 6.45 38.46
C GLU A 225 -29.73 5.76 39.80
N GLN A 226 -28.46 5.63 40.17
CA GLN A 226 -28.07 5.01 41.43
C GLN A 226 -27.37 6.04 42.30
N LEU A 227 -27.36 5.80 43.61
CA LEU A 227 -26.73 6.71 44.54
C LEU A 227 -25.26 6.95 44.19
N HIS A 228 -24.52 5.86 43.96
CA HIS A 228 -23.10 5.96 43.63
C HIS A 228 -22.83 6.13 42.16
N LYS A 229 -21.99 7.11 41.83
CA LYS A 229 -21.66 7.39 40.44
C LYS A 229 -20.62 6.40 39.92
N VAL A 230 -20.73 6.07 38.63
CA VAL A 230 -19.80 5.15 38.01
C VAL A 230 -19.30 5.76 36.71
N LYS A 231 -18.20 5.21 36.21
CA LYS A 231 -17.65 5.63 34.94
C LYS A 231 -17.50 4.35 34.14
N VAL A 232 -18.32 4.21 33.11
CA VAL A 232 -18.28 3.02 32.27
C VAL A 232 -17.54 3.30 30.97
N VAL A 233 -16.45 2.58 30.75
CA VAL A 233 -15.69 2.73 29.51
C VAL A 233 -15.85 1.45 28.71
N THR A 234 -16.44 1.55 27.53
CA THR A 234 -16.64 0.38 26.68
C THR A 234 -15.68 0.47 25.50
N ARG A 235 -14.78 -0.51 25.39
CA ARG A 235 -13.84 -0.54 24.29
C ARG A 235 -14.33 -1.49 23.21
N ILE A 236 -14.40 -1.00 21.98
CA ILE A 236 -14.87 -1.78 20.84
C ILE A 236 -13.71 -2.38 20.04
N TYR A 237 -13.77 -3.68 19.78
CA TYR A 237 -12.74 -4.34 19.00
C TYR A 237 -13.30 -4.86 17.69
N HIS A 238 -12.50 -4.76 16.63
CA HIS A 238 -12.91 -5.20 15.31
C HIS A 238 -11.94 -6.19 14.72
N LYS A 239 -12.48 -7.12 13.93
CA LYS A 239 -11.69 -8.15 13.27
C LYS A 239 -12.34 -8.44 11.93
N ALA A 240 -11.53 -8.57 10.88
CA ALA A 240 -12.06 -8.86 9.55
C ALA A 240 -12.10 -10.38 9.31
N LYS A 241 -13.15 -10.84 8.63
CA LYS A 241 -13.31 -12.27 8.32
C LYS A 241 -13.70 -12.44 6.87
N HIS A 242 -13.21 -13.50 6.23
CA HIS A 242 -13.57 -13.78 4.83
C HIS A 242 -13.13 -12.57 4.00
N THR A 243 -11.86 -12.22 4.15
CA THR A 243 -11.29 -11.04 3.53
C THR A 243 -10.70 -11.13 2.14
N LYS A 244 -10.82 -10.02 1.41
CA LYS A 244 -10.26 -9.87 0.08
C LYS A 244 -9.77 -8.43 -0.01
N ALA A 245 -8.58 -8.25 -0.57
CA ALA A 245 -8.00 -6.93 -0.69
C ALA A 245 -7.41 -6.72 -2.09
N TRP A 246 -7.43 -5.48 -2.56
CA TRP A 246 -6.92 -5.16 -3.90
C TRP A 246 -5.98 -3.97 -3.91
N CYS A 247 -5.06 -3.96 -4.88
CA CYS A 247 -4.11 -2.87 -5.08
C CYS A 247 -3.36 -2.43 -3.82
N PRO A 248 -2.30 -3.16 -3.46
CA PRO A 248 -1.53 -2.81 -2.27
C PRO A 248 -0.85 -1.45 -2.44
N ARG A 249 -0.55 -0.80 -1.31
CA ARG A 249 0.10 0.50 -1.37
C ARG A 249 1.14 0.74 -0.28
N PRO A 250 1.89 1.85 -0.38
CA PRO A 250 2.92 2.18 0.62
C PRO A 250 2.30 2.36 1.99
N PRO A 251 2.98 1.89 3.05
CA PRO A 251 2.47 2.01 4.42
C PRO A 251 2.54 3.47 4.90
N ARG A 252 1.62 3.84 5.79
CA ARG A 252 1.60 5.18 6.36
C ARG A 252 2.96 5.44 7.02
N ALA A 253 3.63 6.52 6.62
CA ALA A 253 4.97 6.84 7.15
C ALA A 253 5.03 7.91 8.25
N VAL A 254 3.96 8.68 8.40
CA VAL A 254 3.93 9.72 9.43
C VAL A 254 2.66 9.51 10.26
N GLN A 255 2.59 10.14 11.43
CA GLN A 255 1.39 9.97 12.26
C GLN A 255 0.14 10.45 11.56
N TYR A 256 -1.00 9.90 11.97
CA TYR A 256 -2.30 10.30 11.42
C TYR A 256 -2.73 11.55 12.17
N SER A 257 -3.57 12.37 11.53
CA SER A 257 -4.06 13.60 12.15
C SER A 257 -5.56 13.51 12.41
N HIS A 258 -6.30 13.19 11.37
CA HIS A 258 -7.74 13.12 11.47
C HIS A 258 -8.31 11.94 10.72
N THR A 259 -9.59 11.67 10.97
CA THR A 259 -10.26 10.56 10.33
C THR A 259 -10.64 10.90 8.88
N HIS A 260 -10.63 9.89 8.03
CA HIS A 260 -11.01 10.04 6.63
C HIS A 260 -10.13 10.95 5.78
N THR A 261 -8.93 11.25 6.25
CA THR A 261 -8.05 12.11 5.48
C THR A 261 -6.60 11.71 5.63
N THR A 262 -5.81 11.92 4.58
CA THR A 262 -4.41 11.57 4.60
C THR A 262 -3.53 12.71 5.10
N ASN A 263 -4.18 13.81 5.52
CA ASN A 263 -3.47 14.98 6.04
C ASN A 263 -2.45 14.61 7.10
N TYR A 264 -1.38 15.40 7.19
CA TYR A 264 -0.34 15.15 8.18
C TYR A 264 0.34 16.43 8.65
N LYS A 265 1.05 16.34 9.76
CA LYS A 265 1.79 17.47 10.31
C LYS A 265 3.25 17.25 9.99
N LEU A 266 4.00 18.35 9.89
CA LEU A 266 5.44 18.30 9.62
C LEU A 266 6.10 19.33 10.50
N SER A 267 7.13 18.93 11.23
CA SER A 267 7.85 19.85 12.09
C SER A 267 9.00 20.48 11.32
N SER A 268 9.79 21.30 11.98
CA SER A 268 10.93 21.96 11.33
C SER A 268 12.05 20.97 11.01
N GLU A 269 12.15 19.90 11.81
CA GLU A 269 13.16 18.86 11.60
C GLU A 269 12.42 17.58 11.23
N VAL A 270 12.12 17.45 9.94
CA VAL A 270 11.37 16.31 9.42
C VAL A 270 11.84 14.91 9.76
N HIS A 271 13.13 14.72 10.02
CA HIS A 271 13.57 13.37 10.33
C HIS A 271 12.91 12.84 11.61
N ASN A 272 12.30 13.75 12.38
CA ASN A 272 11.62 13.35 13.60
C ASN A 272 10.19 12.91 13.33
N ASP A 273 9.69 13.24 12.14
CA ASP A 273 8.32 12.89 11.78
C ASP A 273 8.19 11.52 11.08
N VAL A 274 9.31 10.94 10.69
CA VAL A 274 9.31 9.63 10.04
C VAL A 274 10.16 8.64 10.83
N ALA A 275 9.97 7.35 10.54
CA ALA A 275 10.69 6.30 11.24
C ALA A 275 12.14 6.14 10.78
N ILE A 276 12.53 6.87 9.73
CA ILE A 276 13.89 6.80 9.22
C ILE A 276 14.87 7.36 10.24
N ARG A 277 15.94 6.61 10.52
CA ARG A 277 16.95 7.07 11.46
C ARG A 277 18.15 7.61 10.70
N PRO A 278 18.58 8.84 11.01
CA PRO A 278 19.72 9.46 10.33
C PRO A 278 21.00 8.62 10.39
N ARG A 279 21.66 8.46 9.25
CA ARG A 279 22.90 7.70 9.20
C ARG A 279 24.06 8.69 9.36
N THR A 280 25.14 8.25 10.00
CA THR A 280 26.29 9.13 10.17
C THR A 280 26.81 9.46 8.76
N ASN A 281 26.92 8.44 7.93
CA ASN A 281 27.37 8.57 6.55
C ASN A 281 27.07 7.26 5.82
N LEU A 282 27.37 7.22 4.52
CA LEU A 282 27.09 6.05 3.70
C LEU A 282 27.73 4.74 4.10
N THR A 283 28.84 4.79 4.84
CA THR A 283 29.53 3.57 5.22
C THR A 283 29.48 3.17 6.69
N THR A 284 28.67 3.87 7.47
CA THR A 284 28.55 3.55 8.89
C THR A 284 27.35 2.64 9.08
N VAL A 285 27.61 1.35 9.23
CA VAL A 285 26.55 0.38 9.41
C VAL A 285 25.72 0.67 10.66
N SER B 10 13.42 -6.20 -32.76
CA SER B 10 14.12 -5.45 -31.68
C SER B 10 13.20 -5.22 -30.49
N ASP B 11 13.65 -5.60 -29.31
CA ASP B 11 12.88 -5.45 -28.07
C ASP B 11 12.88 -4.02 -27.53
N ARG B 12 13.64 -3.13 -28.17
CA ARG B 12 13.69 -1.76 -27.70
C ARG B 12 12.98 -0.75 -28.60
N ILE B 13 12.10 -1.27 -29.44
CA ILE B 13 11.30 -0.47 -30.36
C ILE B 13 9.83 -0.72 -30.05
N ILE B 14 8.97 0.25 -30.30
CA ILE B 14 7.55 0.05 -30.06
C ILE B 14 6.68 0.93 -30.93
N GLN B 15 5.54 0.40 -31.35
CA GLN B 15 4.58 1.16 -32.13
C GLN B 15 3.25 0.88 -31.46
N ILE B 16 2.54 1.94 -31.10
CA ILE B 16 1.25 1.79 -30.45
C ILE B 16 0.22 2.50 -31.31
N THR B 17 -0.79 1.77 -31.78
CA THR B 17 -1.83 2.37 -32.60
C THR B 17 -3.16 2.37 -31.87
N ARG B 18 -3.78 3.54 -31.78
CA ARG B 18 -5.07 3.71 -31.12
C ARG B 18 -5.90 4.63 -32.01
N GLY B 19 -7.01 4.12 -32.52
CA GLY B 19 -7.85 4.94 -33.37
C GLY B 19 -7.07 5.45 -34.57
N ASP B 20 -7.05 6.77 -34.76
CA ASP B 20 -6.34 7.36 -35.88
C ASP B 20 -4.95 7.83 -35.46
N SER B 21 -4.48 7.39 -34.30
CA SER B 21 -3.17 7.81 -33.83
C SER B 21 -2.18 6.67 -33.66
N THR B 22 -0.92 6.96 -33.95
CA THR B 22 0.14 5.97 -33.80
C THR B 22 1.33 6.65 -33.15
N ILE B 23 1.88 6.00 -32.13
CA ILE B 23 3.03 6.54 -31.43
C ILE B 23 4.19 5.55 -31.53
N THR B 24 5.40 6.08 -31.69
CA THR B 24 6.57 5.23 -31.79
C THR B 24 7.66 5.69 -30.86
N SER B 25 8.58 4.77 -30.58
CA SER B 25 9.73 5.03 -29.74
C SER B 25 10.76 3.99 -30.13
N GLN B 26 12.01 4.42 -30.28
CA GLN B 26 13.07 3.51 -30.66
C GLN B 26 13.99 3.20 -29.48
N ASP B 27 13.55 3.54 -28.28
CA ASP B 27 14.32 3.29 -27.06
C ASP B 27 13.36 3.12 -25.89
N VAL B 28 12.69 1.99 -25.86
CA VAL B 28 11.74 1.72 -24.78
C VAL B 28 12.31 0.71 -23.81
N ALA B 29 11.64 0.57 -22.67
CA ALA B 29 12.06 -0.39 -21.66
C ALA B 29 10.86 -1.31 -21.47
N ASN B 30 10.42 -1.92 -22.57
CA ASN B 30 9.28 -2.82 -22.53
C ASN B 30 8.04 -1.99 -22.22
N ALA B 31 6.97 -2.64 -21.79
CA ALA B 31 5.74 -1.94 -21.45
C ALA B 31 5.15 -2.59 -20.20
N VAL B 32 4.29 -1.86 -19.49
CA VAL B 32 3.69 -2.40 -18.29
C VAL B 32 2.18 -2.46 -18.39
N VAL B 33 1.62 -3.59 -18.00
CA VAL B 33 0.17 -3.74 -18.01
C VAL B 33 -0.24 -3.79 -16.54
N GLY B 34 -0.77 -2.68 -16.05
CA GLY B 34 -1.19 -2.59 -14.67
C GLY B 34 -1.91 -3.81 -14.14
N TYR B 35 -1.34 -4.41 -13.09
CA TYR B 35 -1.94 -5.57 -12.46
C TYR B 35 -2.20 -6.74 -13.41
N GLY B 36 -1.47 -6.76 -14.52
CA GLY B 36 -1.61 -7.83 -15.48
C GLY B 36 -2.99 -7.96 -16.09
N VAL B 37 -3.80 -6.92 -16.03
CA VAL B 37 -5.14 -6.98 -16.61
C VAL B 37 -5.29 -5.96 -17.73
N TRP B 38 -5.64 -6.46 -18.90
CA TRP B 38 -5.83 -5.62 -20.07
C TRP B 38 -7.22 -4.99 -20.02
N PRO B 39 -7.35 -3.71 -20.39
CA PRO B 39 -8.68 -3.08 -20.36
C PRO B 39 -9.72 -3.76 -21.22
N HIS B 40 -10.94 -3.85 -20.69
CA HIS B 40 -12.04 -4.50 -21.39
C HIS B 40 -13.38 -3.84 -21.01
N TYR B 41 -14.39 -4.02 -21.85
CA TYR B 41 -15.71 -3.45 -21.58
C TYR B 41 -16.39 -4.14 -20.41
N LEU B 42 -17.33 -3.43 -19.79
CA LEU B 42 -18.08 -3.94 -18.66
C LEU B 42 -19.00 -5.08 -19.07
N THR B 43 -18.97 -6.17 -18.31
CA THR B 43 -19.80 -7.34 -18.61
C THR B 43 -21.14 -7.26 -17.90
N PRO B 44 -22.16 -7.97 -18.41
CA PRO B 44 -23.47 -7.93 -17.78
C PRO B 44 -23.54 -8.48 -16.34
N GLN B 45 -22.57 -9.30 -15.95
CA GLN B 45 -22.57 -9.85 -14.59
C GLN B 45 -22.06 -8.86 -13.55
N ASP B 46 -21.24 -7.91 -13.98
CA ASP B 46 -20.70 -6.90 -13.06
C ASP B 46 -21.43 -5.56 -13.16
N ALA B 47 -22.14 -5.37 -14.26
CA ALA B 47 -22.86 -4.13 -14.50
C ALA B 47 -24.01 -3.87 -13.51
N THR B 48 -24.35 -2.61 -13.32
CA THR B 48 -25.44 -2.25 -12.42
C THR B 48 -26.42 -1.26 -13.07
N ALA B 49 -25.89 -0.24 -13.76
CA ALA B 49 -26.75 0.73 -14.44
C ALA B 49 -27.42 0.00 -15.60
N ILE B 50 -28.74 0.12 -15.73
CA ILE B 50 -29.45 -0.63 -16.78
C ILE B 50 -29.61 -0.09 -18.19
N ASP B 51 -29.23 1.16 -18.45
CA ASP B 51 -29.38 1.65 -19.82
C ASP B 51 -28.19 1.25 -20.68
N LYS B 52 -28.42 1.11 -21.98
CA LYS B 52 -27.37 0.75 -22.92
C LYS B 52 -26.29 1.82 -22.97
N PRO B 53 -25.02 1.42 -22.75
CA PRO B 53 -23.88 2.33 -22.76
C PRO B 53 -23.57 2.81 -24.17
N THR B 54 -22.89 3.96 -24.24
CA THR B 54 -22.48 4.49 -25.52
C THR B 54 -20.98 4.19 -25.57
N GLN B 55 -20.52 3.68 -26.70
CA GLN B 55 -19.12 3.34 -26.87
C GLN B 55 -18.57 4.04 -28.11
N PRO B 56 -18.03 5.26 -27.93
CA PRO B 56 -17.46 6.10 -28.99
C PRO B 56 -16.39 5.43 -29.84
N ASP B 57 -15.81 4.35 -29.34
CA ASP B 57 -14.79 3.61 -30.06
C ASP B 57 -13.59 4.47 -30.50
N THR B 58 -13.24 4.42 -31.78
CA THR B 58 -12.09 5.17 -32.28
C THR B 58 -12.12 6.68 -32.14
N SER B 59 -13.29 7.28 -31.92
CA SER B 59 -13.32 8.73 -31.77
C SER B 59 -12.95 9.19 -30.38
N SER B 60 -12.85 8.26 -29.44
CA SER B 60 -12.48 8.59 -28.07
C SER B 60 -11.27 7.79 -27.62
N ASN B 61 -11.14 6.57 -28.14
CA ASN B 61 -10.01 5.73 -27.77
C ASN B 61 -8.83 6.03 -28.68
N ARG B 62 -8.24 7.22 -28.48
CA ARG B 62 -7.13 7.68 -29.29
C ARG B 62 -6.17 8.47 -28.41
N PHE B 63 -4.95 8.66 -28.87
CA PHE B 63 -3.97 9.40 -28.09
C PHE B 63 -4.21 10.90 -28.05
N TYR B 64 -4.21 11.46 -26.84
CA TYR B 64 -4.37 12.89 -26.67
C TYR B 64 -3.09 13.37 -26.02
N THR B 65 -2.44 14.36 -26.60
CA THR B 65 -1.19 14.85 -26.03
C THR B 65 -1.40 16.10 -25.18
N LEU B 66 -1.01 16.01 -23.91
CA LEU B 66 -1.15 17.10 -22.95
C LEU B 66 -0.08 18.18 -23.20
N ASP B 67 -0.12 19.25 -22.41
CA ASP B 67 0.86 20.32 -22.56
C ASP B 67 2.21 19.77 -22.10
N SER B 68 3.29 20.18 -22.77
CA SER B 68 4.60 19.71 -22.40
C SER B 68 5.14 20.45 -21.18
N LYS B 69 6.06 19.81 -20.46
CA LYS B 69 6.68 20.41 -19.28
C LYS B 69 8.18 20.47 -19.49
N MET B 70 8.83 21.44 -18.83
CA MET B 70 10.27 21.56 -18.96
C MET B 70 10.95 20.96 -17.73
N TRP B 71 11.90 20.09 -17.98
CA TRP B 71 12.64 19.43 -16.91
C TRP B 71 14.00 20.10 -16.75
N ASN B 72 14.28 20.60 -15.56
CA ASN B 72 15.58 21.22 -15.31
C ASN B 72 16.17 20.69 -14.02
N SER B 73 17.40 21.09 -13.73
CA SER B 73 18.12 20.64 -12.54
C SER B 73 17.43 20.84 -11.19
N THR B 74 16.39 21.66 -11.15
CA THR B 74 15.71 21.89 -9.88
C THR B 74 14.29 21.33 -9.82
N SER B 75 13.83 20.72 -10.91
CA SER B 75 12.48 20.17 -10.94
C SER B 75 12.20 19.20 -9.80
N LYS B 76 11.02 19.32 -9.22
CA LYS B 76 10.62 18.46 -8.11
C LYS B 76 9.58 17.43 -8.52
N GLY B 77 9.00 17.59 -9.71
CA GLY B 77 8.02 16.64 -10.18
C GLY B 77 6.77 17.24 -10.76
N TRP B 78 5.88 16.37 -11.24
CA TRP B 78 4.63 16.78 -11.86
C TRP B 78 3.58 15.68 -11.64
N TRP B 79 2.31 16.08 -11.58
CA TRP B 79 1.27 15.09 -11.49
C TRP B 79 0.01 15.53 -12.22
N TRP B 80 -0.74 14.54 -12.70
CA TRP B 80 -1.98 14.75 -13.43
C TRP B 80 -2.97 13.74 -12.88
N LYS B 81 -4.25 14.03 -13.00
CA LYS B 81 -5.25 13.10 -12.54
C LYS B 81 -6.14 12.71 -13.70
N LEU B 82 -6.56 11.45 -13.74
CA LEU B 82 -7.43 10.97 -14.80
C LEU B 82 -8.78 10.57 -14.21
N PRO B 83 -9.87 10.80 -14.94
CA PRO B 83 -9.94 11.40 -16.28
C PRO B 83 -9.85 12.92 -16.40
N ASP B 84 -9.67 13.62 -15.28
CA ASP B 84 -9.59 15.08 -15.31
C ASP B 84 -8.71 15.68 -16.39
N ALA B 85 -7.50 15.14 -16.54
CA ALA B 85 -6.56 15.65 -17.53
C ALA B 85 -7.12 15.66 -18.95
N LEU B 86 -8.13 14.83 -19.20
CA LEU B 86 -8.70 14.77 -20.55
C LEU B 86 -10.05 15.46 -20.69
N LYS B 87 -10.45 16.21 -19.67
CA LYS B 87 -11.75 16.88 -19.70
C LYS B 87 -12.01 17.79 -20.88
N ASP B 88 -10.95 18.22 -21.54
CA ASP B 88 -11.13 19.10 -22.69
C ASP B 88 -10.54 18.48 -23.96
N MET B 89 -10.51 17.16 -24.00
CA MET B 89 -9.93 16.44 -25.14
C MET B 89 -10.97 15.81 -26.07
N GLY B 90 -11.27 16.50 -27.16
CA GLY B 90 -12.21 16.00 -28.15
C GLY B 90 -13.46 15.30 -27.63
N ILE B 91 -13.87 14.26 -28.36
CA ILE B 91 -15.06 13.51 -28.03
C ILE B 91 -15.04 12.87 -26.64
N PHE B 92 -13.88 12.43 -26.19
CA PHE B 92 -13.79 11.82 -24.87
C PHE B 92 -14.23 12.84 -23.83
N GLY B 93 -13.70 14.06 -23.94
CA GLY B 93 -14.06 15.10 -23.01
C GLY B 93 -15.55 15.41 -23.04
N GLU B 94 -16.11 15.55 -24.24
CA GLU B 94 -17.54 15.85 -24.36
C GLU B 94 -18.35 14.78 -23.64
N ASN B 95 -18.04 13.52 -23.91
CA ASN B 95 -18.78 12.43 -23.32
C ASN B 95 -18.75 12.38 -21.80
N MET B 96 -17.65 12.77 -21.17
CA MET B 96 -17.65 12.71 -19.73
C MET B 96 -18.51 13.77 -19.05
N PHE B 97 -18.90 14.81 -19.79
CA PHE B 97 -19.75 15.83 -19.18
C PHE B 97 -21.21 15.71 -19.54
N TYR B 98 -21.52 15.00 -20.63
CA TYR B 98 -22.91 14.81 -21.03
C TYR B 98 -23.52 13.61 -20.34
N HIS B 99 -22.68 12.76 -19.76
CA HIS B 99 -23.14 11.57 -19.06
C HIS B 99 -22.83 11.58 -17.57
N PHE B 100 -23.68 10.93 -16.81
CA PHE B 100 -23.47 10.84 -15.38
C PHE B 100 -22.31 9.88 -15.13
N LEU B 101 -22.35 8.73 -15.78
CA LEU B 101 -21.34 7.69 -15.61
C LEU B 101 -20.39 7.48 -16.77
N GLY B 102 -19.17 7.09 -16.43
CA GLY B 102 -18.15 6.82 -17.43
C GLY B 102 -17.27 5.68 -16.92
N ARG B 103 -16.56 5.04 -17.84
CA ARG B 103 -15.68 3.93 -17.48
C ARG B 103 -14.62 3.85 -18.57
N SER B 104 -13.37 3.63 -18.19
CA SER B 104 -12.32 3.59 -19.18
C SER B 104 -10.96 3.13 -18.66
N GLY B 105 -10.16 2.57 -19.56
CA GLY B 105 -8.81 2.16 -19.21
C GLY B 105 -7.92 3.14 -19.95
N TYR B 106 -6.60 3.03 -19.81
CA TYR B 106 -5.72 3.97 -20.53
C TYR B 106 -4.38 3.38 -20.94
N THR B 107 -3.78 4.04 -21.93
CA THR B 107 -2.43 3.73 -22.40
C THR B 107 -1.73 5.07 -22.15
N VAL B 108 -0.83 5.09 -21.17
CA VAL B 108 -0.11 6.31 -20.85
C VAL B 108 1.28 6.18 -21.45
N HIS B 109 1.67 7.13 -22.28
CA HIS B 109 2.99 7.10 -22.91
C HIS B 109 3.73 8.40 -22.60
N VAL B 110 4.74 8.30 -21.72
CA VAL B 110 5.53 9.46 -21.32
C VAL B 110 6.78 9.54 -22.20
N GLN B 111 7.01 10.71 -22.79
CA GLN B 111 8.14 10.91 -23.69
C GLN B 111 9.15 11.92 -23.19
N CYS B 112 10.43 11.57 -23.30
CA CYS B 112 11.50 12.47 -22.88
C CYS B 112 12.85 12.01 -23.43
N ASN B 113 13.38 12.74 -24.40
CA ASN B 113 14.67 12.38 -24.96
C ASN B 113 15.70 13.46 -24.67
N ALA B 114 16.96 13.06 -24.62
CA ALA B 114 18.05 13.98 -24.36
C ALA B 114 19.21 13.60 -25.28
N SER B 115 20.31 13.11 -24.72
CA SER B 115 21.44 12.71 -25.53
C SER B 115 22.28 11.71 -24.76
N LYS B 116 23.22 11.09 -25.43
CA LYS B 116 24.07 10.11 -24.76
C LYS B 116 25.07 10.77 -23.83
N PHE B 117 24.95 12.08 -23.68
CA PHE B 117 25.83 12.83 -22.79
C PHE B 117 25.02 13.52 -21.70
N HIS B 118 23.77 13.11 -21.56
CA HIS B 118 22.87 13.64 -20.54
C HIS B 118 22.62 12.51 -19.57
N GLN B 119 22.24 12.84 -18.34
CA GLN B 119 21.91 11.83 -17.36
C GLN B 119 20.74 12.35 -16.54
N GLY B 120 19.92 11.44 -16.04
CA GLY B 120 18.78 11.83 -15.25
C GLY B 120 17.83 10.66 -15.21
N THR B 121 16.96 10.62 -14.21
CA THR B 121 16.02 9.52 -14.09
C THR B 121 14.67 10.00 -13.59
N LEU B 122 13.62 9.60 -14.30
CA LEU B 122 12.25 9.95 -13.92
C LEU B 122 11.52 8.69 -13.49
N LEU B 123 10.79 8.77 -12.38
CA LEU B 123 10.00 7.65 -11.92
C LEU B 123 8.59 7.98 -12.40
N VAL B 124 8.02 7.12 -13.25
CA VAL B 124 6.69 7.34 -13.79
C VAL B 124 5.73 6.34 -13.15
N VAL B 125 4.76 6.86 -12.39
CA VAL B 125 3.82 5.99 -11.69
C VAL B 125 2.35 6.30 -11.90
N MET B 126 1.55 5.24 -11.93
CA MET B 126 0.10 5.35 -12.07
C MET B 126 -0.46 4.89 -10.73
N ILE B 127 -1.03 5.80 -9.97
CA ILE B 127 -1.59 5.49 -8.65
C ILE B 127 -3.10 5.49 -8.61
N PRO B 128 -3.70 4.39 -8.13
CA PRO B 128 -5.16 4.31 -8.05
C PRO B 128 -5.60 4.98 -6.75
N GLU B 129 -6.70 5.71 -6.79
CA GLU B 129 -7.22 6.43 -5.62
C GLU B 129 -6.11 7.18 -4.89
N HIS B 130 -5.45 8.11 -5.58
CA HIS B 130 -4.39 8.90 -4.96
C HIS B 130 -5.03 10.06 -4.20
N GLN B 131 -5.49 9.79 -2.98
CA GLN B 131 -6.13 10.80 -2.15
C GLN B 131 -5.07 11.71 -1.53
N LEU B 132 -4.98 12.93 -2.05
CA LEU B 132 -3.98 13.88 -1.57
C LEU B 132 -4.20 14.38 -0.15
N ALA B 133 -3.12 14.87 0.45
CA ALA B 133 -3.16 15.38 1.81
C ALA B 133 -2.83 16.88 1.83
N THR B 134 -3.17 17.52 2.96
CA THR B 134 -2.83 18.93 3.15
C THR B 134 -1.85 18.85 4.33
N VAL B 135 -0.98 19.83 4.47
CA VAL B 135 0.00 19.80 5.55
C VAL B 135 -0.19 20.90 6.59
N ASN B 136 -0.15 20.52 7.86
CA ASN B 136 -0.30 21.46 8.97
C ASN B 136 -1.54 22.36 8.82
N LYS B 137 -2.67 21.78 8.44
CA LYS B 137 -3.89 22.57 8.27
C LYS B 137 -5.11 21.89 8.89
N GLY B 138 -4.88 21.07 9.91
CA GLY B 138 -5.98 20.41 10.58
C GLY B 138 -6.75 19.49 9.65
N ASN B 139 -8.07 19.42 9.84
CA ASN B 139 -8.88 18.54 9.02
C ASN B 139 -9.37 19.15 7.71
N VAL B 140 -8.75 20.24 7.28
CA VAL B 140 -9.13 20.86 6.01
C VAL B 140 -8.49 20.05 4.88
N ASN B 141 -9.31 19.61 3.92
CA ASN B 141 -8.81 18.81 2.81
C ASN B 141 -8.59 19.58 1.51
N ALA B 142 -7.87 18.94 0.59
CA ALA B 142 -7.57 19.52 -0.71
C ALA B 142 -8.86 19.91 -1.43
N GLY B 143 -8.88 21.14 -1.95
CA GLY B 143 -10.06 21.63 -2.65
C GLY B 143 -10.20 21.11 -4.05
N TYR B 144 -11.46 21.00 -4.50
CA TYR B 144 -11.78 20.49 -5.83
C TYR B 144 -10.94 21.07 -6.97
N LYS B 145 -10.85 22.40 -7.07
CA LYS B 145 -10.10 22.98 -8.17
C LYS B 145 -8.61 22.69 -8.16
N TYR B 146 -8.06 22.33 -7.00
CA TYR B 146 -6.64 22.02 -6.93
C TYR B 146 -6.33 20.62 -7.43
N THR B 147 -7.30 19.72 -7.31
CA THR B 147 -7.10 18.36 -7.78
C THR B 147 -7.72 18.13 -9.16
N HIS B 148 -8.09 19.22 -9.82
CA HIS B 148 -8.66 19.14 -11.17
C HIS B 148 -8.01 20.22 -12.03
N PRO B 149 -6.68 20.17 -12.18
CA PRO B 149 -5.86 21.10 -12.95
C PRO B 149 -6.03 20.99 -14.45
N GLY B 150 -6.59 19.88 -14.91
CA GLY B 150 -6.76 19.68 -16.34
C GLY B 150 -5.45 19.25 -16.97
N GLU B 151 -5.33 19.43 -18.28
CA GLU B 151 -4.13 19.04 -19.02
C GLU B 151 -2.84 19.71 -18.56
N ALA B 152 -2.94 20.83 -17.86
CA ALA B 152 -1.75 21.52 -17.40
C ALA B 152 -1.11 20.79 -16.22
N GLY B 153 -1.89 19.93 -15.57
CA GLY B 153 -1.38 19.20 -14.43
C GLY B 153 -0.90 20.14 -13.34
N ARG B 154 -0.03 19.64 -12.46
CA ARG B 154 0.49 20.42 -11.36
C ARG B 154 2.00 20.30 -11.32
N GLU B 155 2.69 21.44 -11.27
CA GLU B 155 4.16 21.46 -11.20
C GLU B 155 4.52 21.62 -9.73
N VAL B 156 5.10 20.57 -9.16
CA VAL B 156 5.48 20.61 -7.76
C VAL B 156 6.48 21.73 -7.46
N GLY B 157 6.22 22.44 -6.37
CA GLY B 157 7.10 23.52 -5.94
C GLY B 157 6.90 24.88 -6.57
N THR B 158 5.66 25.26 -6.88
CA THR B 158 5.43 26.56 -7.52
C THR B 158 4.25 27.38 -6.98
N GLN B 159 3.09 26.73 -6.87
CA GLN B 159 1.84 27.36 -6.40
C GLN B 159 1.90 28.40 -5.25
N VAL B 160 0.89 29.25 -5.23
CA VAL B 160 0.74 30.30 -4.22
C VAL B 160 -0.18 29.78 -3.12
N GLU B 161 0.42 29.47 -1.98
CA GLU B 161 -0.26 28.92 -0.82
C GLU B 161 -1.62 29.43 -0.33
N ASN B 162 -2.71 28.83 -0.82
CA ASN B 162 -4.06 29.17 -0.35
C ASN B 162 -4.33 28.04 0.65
N GLU B 163 -5.39 28.12 1.43
CA GLU B 163 -5.61 27.08 2.42
C GLU B 163 -5.91 25.67 1.93
N LYS B 164 -6.79 25.54 0.94
CA LYS B 164 -7.17 24.23 0.44
C LYS B 164 -6.14 23.64 -0.54
N GLN B 165 -4.93 24.22 -0.55
CA GLN B 165 -3.83 23.78 -1.41
C GLN B 165 -3.29 22.44 -0.89
N PRO B 166 -3.16 21.43 -1.76
CA PRO B 166 -2.63 20.13 -1.30
C PRO B 166 -1.13 20.10 -1.07
N SER B 167 -0.67 19.04 -0.42
CA SER B 167 0.74 18.84 -0.11
C SER B 167 1.60 18.88 -1.37
N ASP B 168 2.80 19.42 -1.23
CA ASP B 168 3.72 19.51 -2.35
C ASP B 168 5.03 18.79 -2.03
N ASP B 169 4.98 17.85 -1.08
CA ASP B 169 6.15 17.08 -0.65
C ASP B 169 6.28 15.81 -1.48
N ASN B 170 7.15 15.81 -2.48
CA ASN B 170 7.31 14.64 -3.31
C ASN B 170 7.85 13.43 -2.56
N TRP B 171 8.70 13.65 -1.57
CA TRP B 171 9.25 12.51 -0.84
C TRP B 171 8.22 11.80 0.04
N LEU B 172 7.07 12.42 0.25
CA LEU B 172 6.00 11.80 1.04
C LEU B 172 4.79 11.51 0.16
N ASN B 173 5.04 11.38 -1.14
CA ASN B 173 4.00 11.07 -2.13
C ASN B 173 2.79 11.98 -2.07
N PHE B 174 2.95 13.17 -1.51
CA PHE B 174 1.84 14.12 -1.40
C PHE B 174 0.69 13.51 -0.60
N ASP B 175 0.96 12.40 0.10
CA ASP B 175 -0.10 11.74 0.88
C ASP B 175 0.33 11.07 2.19
N GLY B 176 1.54 11.33 2.65
CA GLY B 176 1.97 10.75 3.91
C GLY B 176 2.64 9.37 3.87
N THR B 177 3.10 8.96 2.70
CA THR B 177 3.78 7.68 2.56
C THR B 177 5.10 7.94 1.84
N LEU B 178 6.08 7.05 2.03
CA LEU B 178 7.40 7.25 1.43
C LEU B 178 7.57 6.95 -0.06
N LEU B 179 8.14 7.92 -0.77
CA LEU B 179 8.38 7.84 -2.20
C LEU B 179 8.97 6.52 -2.68
N GLY B 180 9.97 6.01 -1.96
CA GLY B 180 10.61 4.78 -2.35
C GLY B 180 9.70 3.58 -2.49
N ASN B 181 8.51 3.64 -1.90
CA ASN B 181 7.59 2.52 -1.98
C ASN B 181 6.54 2.66 -3.07
N LEU B 182 6.64 3.71 -3.89
CA LEU B 182 5.68 3.90 -4.97
C LEU B 182 5.78 2.78 -6.00
N LEU B 183 6.90 2.07 -6.00
CA LEU B 183 7.11 1.00 -6.96
C LEU B 183 6.12 -0.15 -6.80
N ILE B 184 5.30 -0.10 -5.75
CA ILE B 184 4.31 -1.14 -5.52
C ILE B 184 3.13 -0.90 -6.47
N PHE B 185 3.12 0.26 -7.12
CA PHE B 185 2.07 0.62 -8.08
C PHE B 185 2.62 0.43 -9.48
N PRO B 186 1.75 0.32 -10.50
CA PRO B 186 2.23 0.16 -11.88
C PRO B 186 3.17 1.32 -12.19
N HIS B 187 4.39 1.00 -12.63
CA HIS B 187 5.36 2.06 -12.90
C HIS B 187 6.46 1.64 -13.85
N GLN B 188 7.27 2.64 -14.23
CA GLN B 188 8.42 2.47 -15.09
C GLN B 188 9.35 3.63 -14.77
N PHE B 189 10.59 3.55 -15.25
CA PHE B 189 11.56 4.61 -15.05
C PHE B 189 12.01 5.09 -16.42
N ILE B 190 12.34 6.37 -16.52
CA ILE B 190 12.90 6.84 -17.77
C ILE B 190 14.29 7.25 -17.35
N ASN B 191 15.25 6.37 -17.62
CA ASN B 191 16.64 6.58 -17.29
C ASN B 191 17.27 7.02 -18.61
N LEU B 192 17.57 8.32 -18.73
CA LEU B 192 18.12 8.86 -19.96
C LEU B 192 19.18 8.05 -20.69
N ARG B 193 20.01 7.32 -19.96
CA ARG B 193 21.04 6.51 -20.62
C ARG B 193 20.50 5.22 -21.24
N SER B 194 19.27 4.87 -20.91
CA SER B 194 18.66 3.62 -21.42
C SER B 194 17.46 3.78 -22.33
N ASN B 195 16.48 4.55 -21.90
CA ASN B 195 15.26 4.75 -22.68
C ASN B 195 14.82 6.20 -22.72
N ASN B 196 13.97 6.53 -23.70
CA ASN B 196 13.48 7.88 -23.82
C ASN B 196 11.96 7.95 -23.71
N SER B 197 11.37 6.88 -23.18
CA SER B 197 9.92 6.85 -23.02
C SER B 197 9.48 5.73 -22.08
N ALA B 198 8.27 5.86 -21.56
CA ALA B 198 7.69 4.87 -20.66
C ALA B 198 6.28 4.58 -21.17
N THR B 199 5.83 3.34 -21.05
CA THR B 199 4.51 2.99 -21.51
C THR B 199 3.77 2.15 -20.47
N LEU B 200 2.64 2.67 -20.00
CA LEU B 200 1.84 1.96 -19.02
C LEU B 200 0.42 1.80 -19.54
N ILE B 201 -0.08 0.58 -19.49
CA ILE B 201 -1.43 0.30 -19.94
C ILE B 201 -2.17 -0.14 -18.70
N VAL B 202 -3.16 0.65 -18.27
CA VAL B 202 -3.91 0.30 -17.06
C VAL B 202 -5.39 0.06 -17.33
N PRO B 203 -5.97 -0.93 -16.63
CA PRO B 203 -7.39 -1.24 -16.80
C PRO B 203 -8.20 -0.34 -15.88
N TYR B 204 -9.52 -0.45 -15.96
CA TYR B 204 -10.38 0.32 -15.09
C TYR B 204 -10.30 -0.31 -13.70
N VAL B 205 -10.02 0.50 -12.68
CA VAL B 205 -9.93 0.00 -11.32
C VAL B 205 -10.83 0.84 -10.41
N ASN B 206 -11.81 0.19 -9.78
CA ASN B 206 -12.74 0.87 -8.90
C ASN B 206 -13.60 -0.17 -8.18
N ALA B 207 -14.23 0.22 -7.07
CA ALA B 207 -15.08 -0.69 -6.31
C ALA B 207 -16.51 -0.74 -6.87
N VAL B 208 -16.74 0.04 -7.93
CA VAL B 208 -18.02 0.09 -8.63
C VAL B 208 -17.72 -0.04 -10.13
N PRO B 209 -18.63 -0.65 -10.90
CA PRO B 209 -18.45 -0.84 -12.35
C PRO B 209 -18.30 0.41 -13.23
N MET B 210 -18.91 1.51 -12.81
CA MET B 210 -18.83 2.77 -13.53
C MET B 210 -18.90 3.87 -12.48
N ASP B 211 -18.46 5.08 -12.81
CA ASP B 211 -18.51 6.15 -11.84
C ASP B 211 -18.60 7.51 -12.49
N SER B 212 -18.76 8.55 -11.66
CA SER B 212 -18.83 9.91 -12.14
C SER B 212 -17.46 10.34 -12.60
N MET B 213 -17.37 10.74 -13.86
CA MET B 213 -16.11 11.17 -14.45
C MET B 213 -15.72 12.57 -13.93
N VAL B 214 -16.71 13.27 -13.36
CA VAL B 214 -16.48 14.62 -12.85
C VAL B 214 -16.12 14.74 -11.37
N ARG B 215 -16.67 13.89 -10.52
CA ARG B 215 -16.36 13.99 -9.09
C ARG B 215 -15.32 12.99 -8.60
N HIS B 216 -14.93 12.05 -9.45
CA HIS B 216 -13.99 11.02 -9.03
C HIS B 216 -12.85 10.77 -10.03
N ASN B 217 -11.61 10.88 -9.57
CA ASN B 217 -10.45 10.62 -10.41
C ASN B 217 -9.89 9.25 -10.03
N ASN B 218 -9.95 8.30 -10.95
CA ASN B 218 -9.50 6.94 -10.70
C ASN B 218 -8.00 6.78 -10.58
N TRP B 219 -7.28 7.34 -11.53
CA TRP B 219 -5.82 7.25 -11.53
C TRP B 219 -5.14 8.61 -11.45
N SER B 220 -3.89 8.58 -11.02
CA SER B 220 -3.09 9.79 -10.93
C SER B 220 -1.74 9.44 -11.55
N LEU B 221 -1.29 10.27 -12.48
CA LEU B 221 -0.01 10.05 -13.12
C LEU B 221 0.98 10.92 -12.36
N VAL B 222 1.99 10.29 -11.76
CA VAL B 222 2.98 11.03 -11.02
C VAL B 222 4.36 10.82 -11.64
N ILE B 223 5.05 11.91 -11.93
CA ILE B 223 6.38 11.86 -12.51
C ILE B 223 7.35 12.60 -11.60
N ILE B 224 8.27 11.87 -10.97
CA ILE B 224 9.24 12.47 -10.06
C ILE B 224 10.67 12.23 -10.51
N PRO B 225 11.46 13.31 -10.63
CA PRO B 225 12.84 13.08 -11.05
C PRO B 225 13.67 12.64 -9.84
N VAL B 226 13.95 11.35 -9.77
CA VAL B 226 14.72 10.80 -8.65
C VAL B 226 16.22 11.03 -8.80
N CYS B 227 16.66 11.27 -10.03
CA CYS B 227 18.07 11.55 -10.31
C CYS B 227 18.10 12.81 -11.15
N GLN B 228 18.69 13.85 -10.57
CA GLN B 228 18.80 15.16 -11.20
C GLN B 228 19.31 15.14 -12.64
N LEU B 229 18.68 15.96 -13.49
CA LEU B 229 19.07 16.08 -14.89
C LEU B 229 20.38 16.86 -15.00
N GLN B 230 21.40 16.23 -15.56
CA GLN B 230 22.70 16.87 -15.71
C GLN B 230 23.32 16.67 -17.08
N SER B 231 24.10 17.65 -17.51
CA SER B 231 24.78 17.60 -18.80
C SER B 231 25.68 18.81 -18.89
N ASN B 232 26.47 18.87 -19.95
CA ASN B 232 27.36 20.01 -20.15
C ASN B 232 26.83 20.88 -21.28
N ASN B 233 25.52 20.86 -21.47
CA ASN B 233 24.84 21.65 -22.49
C ASN B 233 23.46 21.98 -21.95
N ILE B 234 23.42 22.64 -20.80
CA ILE B 234 22.16 22.97 -20.14
C ILE B 234 21.24 23.95 -20.86
N SER B 235 21.79 24.78 -21.75
CA SER B 235 20.94 25.74 -22.45
C SER B 235 19.90 25.02 -23.32
N ASN B 236 20.19 23.77 -23.67
CA ASN B 236 19.29 22.99 -24.50
C ASN B 236 18.14 22.45 -23.63
N ILE B 237 16.94 22.99 -23.82
CA ILE B 237 15.78 22.59 -23.05
C ILE B 237 15.37 21.14 -23.27
N VAL B 238 15.13 20.42 -22.18
CA VAL B 238 14.71 19.03 -22.25
C VAL B 238 13.29 18.91 -21.72
N PRO B 239 12.30 18.85 -22.64
CA PRO B 239 10.89 18.76 -22.26
C PRO B 239 10.46 17.33 -21.89
N ILE B 240 9.28 17.24 -21.29
CA ILE B 240 8.67 15.97 -20.94
C ILE B 240 7.27 16.08 -21.51
N THR B 241 6.88 15.12 -22.33
CA THR B 241 5.56 15.15 -22.94
C THR B 241 4.78 13.89 -22.62
N VAL B 242 3.49 14.08 -22.31
CA VAL B 242 2.62 12.97 -21.97
C VAL B 242 1.48 12.80 -22.98
N SER B 243 1.30 11.58 -23.46
CA SER B 243 0.24 11.29 -24.41
C SER B 243 -0.59 10.16 -23.80
N ILE B 244 -1.88 10.39 -23.64
CA ILE B 244 -2.77 9.40 -23.03
C ILE B 244 -3.90 8.99 -23.97
N SER B 245 -4.15 7.69 -24.04
CA SER B 245 -5.22 7.18 -24.89
C SER B 245 -6.22 6.34 -24.11
N PRO B 246 -7.49 6.76 -24.10
CA PRO B 246 -8.50 5.99 -23.38
C PRO B 246 -8.65 4.65 -24.09
N MET B 247 -9.13 3.64 -23.38
CA MET B 247 -9.32 2.32 -23.96
C MET B 247 -10.66 1.79 -23.47
N CYS B 248 -11.46 1.27 -24.39
CA CYS B 248 -12.77 0.73 -24.04
C CYS B 248 -13.62 1.73 -23.28
N ALA B 249 -13.56 2.99 -23.69
CA ALA B 249 -14.34 4.02 -23.03
C ALA B 249 -15.82 3.83 -23.28
N GLU B 250 -16.62 3.87 -22.22
CA GLU B 250 -18.06 3.75 -22.36
C GLU B 250 -18.73 4.68 -21.34
N PHE B 251 -19.86 5.24 -21.75
CA PHE B 251 -20.59 6.18 -20.90
C PHE B 251 -22.06 5.83 -20.78
N SER B 252 -22.67 6.26 -19.69
CA SER B 252 -24.06 5.95 -19.44
C SER B 252 -24.77 7.07 -18.68
N GLY B 253 -26.09 7.16 -18.86
CA GLY B 253 -26.86 8.19 -18.18
C GLY B 253 -26.71 9.54 -18.86
N ALA B 254 -27.11 9.60 -20.12
CA ALA B 254 -27.01 10.84 -20.91
C ALA B 254 -27.98 11.92 -20.45
N ARG B 255 -27.59 13.17 -20.68
CA ARG B 255 -28.42 14.32 -20.31
C ARG B 255 -27.73 15.59 -20.82
N ALA B 256 -28.08 16.73 -20.23
CA ALA B 256 -27.46 17.99 -20.64
C ALA B 256 -26.00 17.98 -20.20
N LYS B 257 -25.20 18.90 -20.75
CA LYS B 257 -23.79 18.96 -20.41
C LYS B 257 -23.52 19.66 -19.08
N THR B 258 -22.77 18.98 -18.22
CA THR B 258 -22.43 19.53 -16.91
C THR B 258 -21.41 20.66 -17.06
N VAL B 259 -21.63 21.76 -16.35
CA VAL B 259 -20.71 22.88 -16.40
C VAL B 259 -20.09 22.99 -15.01
N VAL B 260 -18.77 22.89 -14.94
CA VAL B 260 -18.09 22.93 -13.66
C VAL B 260 -17.50 24.27 -13.24
N GLN B 261 -17.49 24.48 -11.92
CA GLN B 261 -16.94 25.68 -11.28
C GLN B 261 -17.56 26.98 -11.79
N GLY C 1 -30.49 -32.04 31.05
CA GLY C 1 -29.78 -31.86 29.77
C GLY C 1 -28.42 -32.53 29.75
N LEU C 2 -27.67 -32.31 28.68
CA LEU C 2 -26.36 -32.90 28.53
C LEU C 2 -25.39 -32.36 29.58
N PRO C 3 -24.81 -33.25 30.41
CA PRO C 3 -23.87 -32.78 31.42
C PRO C 3 -22.61 -32.23 30.76
N VAL C 4 -22.23 -31.02 31.13
CA VAL C 4 -21.04 -30.39 30.56
C VAL C 4 -20.06 -29.93 31.63
N TYR C 5 -18.82 -29.71 31.22
CA TYR C 5 -17.76 -29.27 32.12
C TYR C 5 -17.10 -28.03 31.53
N VAL C 6 -17.36 -26.88 32.14
CA VAL C 6 -16.81 -25.62 31.66
C VAL C 6 -15.30 -25.58 31.87
N THR C 7 -14.56 -25.45 30.78
CA THR C 7 -13.10 -25.44 30.84
C THR C 7 -12.45 -24.07 31.05
N PRO C 8 -11.21 -24.06 31.57
CA PRO C 8 -10.52 -22.79 31.79
C PRO C 8 -10.43 -22.10 30.44
N GLY C 9 -10.55 -20.77 30.44
CA GLY C 9 -10.51 -20.02 29.21
C GLY C 9 -11.90 -19.54 28.86
N SER C 10 -12.91 -20.28 29.29
CA SER C 10 -14.30 -19.93 29.03
C SER C 10 -14.57 -18.50 29.45
N GLY C 11 -15.34 -17.78 28.63
CA GLY C 11 -15.70 -16.41 28.96
C GLY C 11 -14.66 -15.35 28.62
N GLN C 12 -13.41 -15.77 28.47
CA GLN C 12 -12.35 -14.83 28.16
C GLN C 12 -12.48 -14.30 26.74
N PHE C 13 -11.75 -13.23 26.45
CA PHE C 13 -11.74 -12.66 25.12
C PHE C 13 -10.30 -12.61 24.64
N MET C 14 -9.97 -13.47 23.69
CA MET C 14 -8.64 -13.52 23.11
C MET C 14 -8.73 -12.84 21.76
N THR C 15 -7.96 -11.77 21.56
CA THR C 15 -8.00 -11.05 20.30
C THR C 15 -7.69 -11.88 19.06
N THR C 16 -7.05 -13.04 19.26
CA THR C 16 -6.71 -13.90 18.13
C THR C 16 -7.50 -15.20 18.08
N ASP C 17 -8.58 -15.29 18.84
CA ASP C 17 -9.40 -16.49 18.84
C ASP C 17 -10.12 -16.59 17.50
N ASP C 18 -10.71 -17.75 17.21
CA ASP C 18 -11.41 -17.94 15.95
C ASP C 18 -12.75 -18.63 16.18
N MET C 19 -13.69 -17.90 16.76
CA MET C 19 -15.01 -18.44 17.06
C MET C 19 -16.07 -17.89 16.12
N GLN C 20 -17.26 -18.47 16.19
CA GLN C 20 -18.38 -18.03 15.38
C GLN C 20 -19.24 -17.18 16.31
N SER C 21 -20.10 -16.35 15.73
CA SER C 21 -20.98 -15.50 16.54
C SER C 21 -22.22 -15.10 15.76
N PRO C 22 -23.35 -14.88 16.45
CA PRO C 22 -24.58 -14.49 15.78
C PRO C 22 -24.43 -13.21 14.96
N CYS C 23 -25.16 -13.14 13.85
CA CYS C 23 -25.11 -11.99 12.95
C CYS C 23 -26.16 -10.94 13.32
N ALA C 24 -25.72 -9.69 13.48
CA ALA C 24 -26.63 -8.63 13.84
C ALA C 24 -27.59 -8.21 12.71
N LEU C 25 -27.27 -8.58 11.48
CA LEU C 25 -28.12 -8.24 10.34
C LEU C 25 -28.62 -9.50 9.65
N PRO C 26 -29.58 -10.21 10.26
CA PRO C 26 -30.10 -11.42 9.63
C PRO C 26 -30.77 -11.16 8.27
N TRP C 27 -30.76 -12.16 7.40
CA TRP C 27 -31.37 -12.05 6.07
C TRP C 27 -30.70 -11.06 5.12
N TYR C 28 -29.73 -10.29 5.61
CA TYR C 28 -29.03 -9.31 4.77
C TYR C 28 -28.20 -9.99 3.69
N HIS C 29 -28.31 -9.48 2.46
CA HIS C 29 -27.57 -10.04 1.33
C HIS C 29 -26.54 -9.02 0.84
N PRO C 30 -25.25 -9.32 1.01
CA PRO C 30 -24.14 -8.46 0.59
C PRO C 30 -24.15 -8.11 -0.89
N THR C 31 -23.58 -6.97 -1.24
CA THR C 31 -23.51 -6.54 -2.63
C THR C 31 -22.72 -7.56 -3.44
N LYS C 32 -23.19 -7.87 -4.65
CA LYS C 32 -22.48 -8.84 -5.49
C LYS C 32 -21.04 -8.40 -5.70
N GLU C 33 -20.12 -9.34 -5.60
CA GLU C 33 -18.71 -9.05 -5.78
C GLU C 33 -18.37 -8.94 -7.27
N ILE C 34 -17.79 -7.81 -7.68
CA ILE C 34 -17.41 -7.65 -9.07
C ILE C 34 -15.90 -7.85 -9.18
N PHE C 35 -15.42 -8.01 -10.40
CA PHE C 35 -13.99 -8.21 -10.60
C PHE C 35 -13.23 -6.90 -10.51
N ILE C 36 -12.17 -6.89 -9.73
CA ILE C 36 -11.33 -5.70 -9.59
C ILE C 36 -9.89 -6.13 -9.82
N PRO C 37 -9.17 -5.45 -10.72
CA PRO C 37 -7.78 -5.84 -10.97
C PRO C 37 -6.93 -5.60 -9.73
N GLY C 38 -5.83 -6.33 -9.62
CA GLY C 38 -4.92 -6.13 -8.50
C GLY C 38 -5.20 -6.85 -7.19
N GLU C 39 -5.97 -7.92 -7.19
CA GLU C 39 -6.23 -8.61 -5.92
C GLU C 39 -4.96 -9.21 -5.31
N VAL C 40 -4.85 -9.10 -4.00
CA VAL C 40 -3.72 -9.66 -3.26
C VAL C 40 -4.29 -10.73 -2.33
N LYS C 41 -3.67 -11.91 -2.32
CA LYS C 41 -4.15 -12.97 -1.44
C LYS C 41 -3.16 -13.27 -0.33
N ASN C 42 -1.89 -12.93 -0.56
CA ASN C 42 -0.86 -13.19 0.43
C ASN C 42 0.15 -12.04 0.39
N LEU C 43 0.61 -11.60 1.56
CA LEU C 43 1.56 -10.49 1.63
C LEU C 43 2.90 -10.82 0.95
N ILE C 44 3.15 -12.08 0.68
CA ILE C 44 4.40 -12.46 0.04
C ILE C 44 4.47 -11.82 -1.34
N GLU C 45 3.30 -11.56 -1.94
CA GLU C 45 3.25 -10.96 -3.27
C GLU C 45 3.81 -9.55 -3.22
N MET C 46 3.75 -8.91 -2.05
CA MET C 46 4.26 -7.56 -1.90
C MET C 46 5.75 -7.54 -1.55
N CYS C 47 6.23 -8.61 -0.93
CA CYS C 47 7.64 -8.71 -0.57
C CYS C 47 8.49 -9.05 -1.78
N GLN C 48 7.83 -9.50 -2.84
CA GLN C 48 8.56 -9.88 -4.06
C GLN C 48 8.70 -8.75 -5.04
N VAL C 49 8.24 -7.56 -4.66
CA VAL C 49 8.32 -6.39 -5.50
C VAL C 49 9.39 -5.46 -4.96
N ASP C 50 10.27 -4.99 -5.84
CA ASP C 50 11.34 -4.08 -5.49
C ASP C 50 10.85 -2.72 -5.05
N THR C 51 11.50 -2.15 -4.06
CA THR C 51 11.19 -0.80 -3.59
C THR C 51 12.56 -0.21 -3.29
N LEU C 52 12.67 1.12 -3.36
CA LEU C 52 13.93 1.80 -3.13
C LEU C 52 14.40 1.85 -1.68
N ILE C 53 15.70 1.71 -1.49
CA ILE C 53 16.28 1.76 -0.16
C ILE C 53 16.78 3.19 0.10
N PRO C 54 16.32 3.83 1.19
CA PRO C 54 16.78 5.20 1.50
C PRO C 54 18.17 5.04 2.10
N ILE C 55 19.07 4.53 1.28
CA ILE C 55 20.43 4.24 1.69
C ILE C 55 21.28 5.45 2.04
N ASN C 56 20.99 6.59 1.43
CA ASN C 56 21.75 7.79 1.71
C ASN C 56 20.97 8.72 2.64
N SER C 57 20.34 8.12 3.64
CA SER C 57 19.53 8.87 4.59
C SER C 57 20.30 9.52 5.74
N THR C 58 21.22 10.41 5.39
CA THR C 58 21.97 11.12 6.42
C THR C 58 21.00 12.21 6.86
N GLN C 59 21.28 12.88 7.97
CA GLN C 59 20.37 13.90 8.44
C GLN C 59 20.11 15.02 7.45
N SER C 60 21.12 15.40 6.68
CA SER C 60 20.95 16.48 5.72
C SER C 60 20.18 16.04 4.48
N ASN C 61 20.04 14.73 4.26
CA ASN C 61 19.32 14.24 3.09
C ASN C 61 17.87 13.85 3.35
N ILE C 62 17.56 13.39 4.56
CA ILE C 62 16.20 13.00 4.88
C ILE C 62 15.22 14.12 4.56
N GLY C 63 14.16 13.80 3.83
CA GLY C 63 13.17 14.79 3.46
C GLY C 63 13.44 15.27 2.05
N ASN C 64 14.32 14.55 1.38
CA ASN C 64 14.72 14.88 0.01
C ASN C 64 14.82 13.60 -0.81
N VAL C 65 14.65 13.68 -2.12
CA VAL C 65 14.74 12.46 -2.93
C VAL C 65 16.19 11.98 -2.95
N SER C 66 17.12 12.89 -2.66
CA SER C 66 18.53 12.53 -2.66
C SER C 66 18.88 11.51 -1.59
N MET C 67 17.94 11.22 -0.70
CA MET C 67 18.22 10.24 0.34
C MET C 67 18.17 8.83 -0.26
N TYR C 68 17.73 8.74 -1.50
CA TYR C 68 17.62 7.46 -2.20
C TYR C 68 18.74 7.20 -3.20
N THR C 69 19.64 8.16 -3.39
CA THR C 69 20.70 7.97 -4.35
C THR C 69 22.10 7.97 -3.76
N VAL C 70 23.01 7.23 -4.38
CA VAL C 70 24.39 7.16 -3.95
C VAL C 70 25.22 7.76 -5.08
N THR C 71 26.06 8.73 -4.77
CA THR C 71 26.87 9.37 -5.80
C THR C 71 28.19 8.67 -6.10
N LEU C 72 28.48 8.51 -7.38
CA LEU C 72 29.71 7.86 -7.83
C LEU C 72 30.51 8.91 -8.59
N SER C 73 31.82 8.72 -8.71
CA SER C 73 32.66 9.69 -9.41
C SER C 73 34.08 9.19 -9.60
N PRO C 74 34.88 9.87 -10.45
CA PRO C 74 36.27 9.47 -10.70
C PRO C 74 37.06 9.48 -9.40
N GLN C 75 37.72 8.37 -9.09
CA GLN C 75 38.50 8.26 -7.87
C GLN C 75 39.99 8.51 -8.09
N THR C 76 40.67 8.97 -7.05
CA THR C 76 42.11 9.22 -7.13
C THR C 76 42.85 8.10 -6.40
N LYS C 77 42.14 7.40 -5.51
CA LYS C 77 42.72 6.27 -4.79
C LYS C 77 41.97 5.03 -5.28
N LEU C 78 42.67 3.90 -5.35
CA LEU C 78 42.05 2.67 -5.82
C LEU C 78 41.24 1.92 -4.77
N ALA C 79 40.28 1.13 -5.23
CA ALA C 79 39.43 0.29 -4.39
C ALA C 79 38.71 0.99 -3.24
N GLU C 80 38.18 2.18 -3.47
CA GLU C 80 37.46 2.92 -2.44
C GLU C 80 36.10 2.31 -2.13
N GLU C 81 35.66 2.49 -0.88
CA GLU C 81 34.37 2.00 -0.43
C GLU C 81 33.28 2.98 -0.86
N ILE C 82 32.14 2.45 -1.31
CA ILE C 82 31.03 3.29 -1.76
C ILE C 82 29.91 3.37 -0.71
N PHE C 83 29.54 2.24 -0.14
CA PHE C 83 28.52 2.23 0.90
C PHE C 83 28.57 0.93 1.69
N ALA C 84 27.95 0.94 2.86
CA ALA C 84 27.92 -0.25 3.71
C ALA C 84 26.68 -0.21 4.60
N ILE C 85 25.93 -1.30 4.62
CA ILE C 85 24.73 -1.38 5.46
C ILE C 85 24.55 -2.78 6.00
N LYS C 86 23.78 -2.92 7.06
CA LYS C 86 23.50 -4.22 7.62
C LYS C 86 22.49 -4.86 6.69
N VAL C 87 22.54 -6.18 6.59
CA VAL C 87 21.66 -6.89 5.69
C VAL C 87 20.33 -7.29 6.34
N ASP C 88 20.22 -7.12 7.65
CA ASP C 88 19.00 -7.48 8.37
C ASP C 88 17.78 -6.77 7.79
N ILE C 89 16.83 -7.56 7.32
CA ILE C 89 15.62 -7.07 6.67
C ILE C 89 14.88 -5.93 7.36
N ALA C 90 14.98 -5.83 8.68
CA ALA C 90 14.29 -4.76 9.39
C ALA C 90 15.25 -3.83 10.12
N SER C 91 16.55 -3.96 9.85
CA SER C 91 17.58 -3.10 10.45
C SER C 91 17.32 -1.74 9.81
N HIS C 92 18.05 -0.70 10.20
CA HIS C 92 17.64 0.58 9.67
C HIS C 92 17.86 1.21 8.33
N PRO C 93 18.94 0.90 7.61
CA PRO C 93 18.73 1.71 6.40
C PRO C 93 17.54 1.15 5.60
N LEU C 94 17.26 -0.15 5.69
CA LEU C 94 16.16 -0.69 4.91
C LEU C 94 14.85 -1.03 5.61
N ALA C 95 14.67 -0.53 6.83
CA ALA C 95 13.45 -0.78 7.58
C ALA C 95 12.21 -0.15 6.91
N THR C 96 12.36 1.02 6.30
CA THR C 96 11.22 1.67 5.68
C THR C 96 10.90 1.27 4.25
N THR C 97 11.60 0.27 3.71
CA THR C 97 11.31 -0.21 2.37
C THR C 97 10.03 -1.04 2.55
N LEU C 98 9.35 -1.38 1.46
CA LEU C 98 8.12 -2.16 1.59
C LEU C 98 8.32 -3.50 2.29
N ILE C 99 9.35 -4.24 1.89
CA ILE C 99 9.61 -5.53 2.50
C ILE C 99 10.02 -5.34 3.96
N GLY C 100 10.72 -4.25 4.25
CA GLY C 100 11.13 -3.97 5.61
C GLY C 100 9.93 -3.63 6.48
N GLU C 101 8.99 -2.88 5.93
CA GLU C 101 7.78 -2.49 6.66
C GLU C 101 6.92 -3.70 6.97
N ILE C 102 6.81 -4.61 6.02
CA ILE C 102 6.01 -5.81 6.21
C ILE C 102 6.71 -6.74 7.22
N ALA C 103 8.03 -6.86 7.09
CA ALA C 103 8.80 -7.69 8.00
C ALA C 103 8.61 -7.17 9.43
N SER C 104 8.37 -5.88 9.55
CA SER C 104 8.18 -5.26 10.86
C SER C 104 6.84 -5.61 11.51
N TYR C 105 6.00 -6.35 10.80
CA TYR C 105 4.72 -6.79 11.36
C TYR C 105 4.85 -8.26 11.77
N PHE C 106 6.06 -8.80 11.65
CA PHE C 106 6.31 -10.18 12.03
C PHE C 106 7.57 -10.26 12.89
N THR C 107 7.67 -11.31 13.69
CA THR C 107 8.81 -11.50 14.59
C THR C 107 9.99 -12.26 13.98
N HIS C 108 9.71 -13.19 13.08
CA HIS C 108 10.75 -14.00 12.46
C HIS C 108 10.78 -13.89 10.95
N TRP C 109 11.97 -14.06 10.36
CA TRP C 109 12.10 -14.05 8.91
C TRP C 109 13.12 -15.10 8.48
N THR C 110 13.06 -15.48 7.22
CA THR C 110 13.98 -16.46 6.67
C THR C 110 13.98 -16.29 5.15
N GLY C 111 14.95 -16.89 4.48
CA GLY C 111 14.98 -16.79 3.04
C GLY C 111 16.06 -15.86 2.52
N SER C 112 16.21 -15.82 1.20
CA SER C 112 17.23 -15.01 0.56
C SER C 112 16.68 -13.66 0.11
N LEU C 113 17.54 -12.65 0.16
CA LEU C 113 17.17 -11.30 -0.23
C LEU C 113 17.79 -10.93 -1.57
N ARG C 114 17.04 -10.15 -2.36
CA ARG C 114 17.51 -9.71 -3.66
C ARG C 114 17.75 -8.22 -3.66
N PHE C 115 19.01 -7.82 -3.83
CA PHE C 115 19.37 -6.41 -3.88
C PHE C 115 19.71 -6.05 -5.31
N SER C 116 19.06 -4.99 -5.82
CA SER C 116 19.32 -4.56 -7.19
C SER C 116 19.85 -3.13 -7.20
N PHE C 117 20.64 -2.81 -8.21
CA PHE C 117 21.22 -1.47 -8.34
C PHE C 117 21.13 -0.99 -9.77
N MET C 118 20.66 0.23 -9.97
CA MET C 118 20.53 0.80 -11.30
C MET C 118 21.43 2.02 -11.44
N PHE C 119 22.32 1.99 -12.44
CA PHE C 119 23.24 3.09 -12.66
C PHE C 119 22.52 4.18 -13.45
N CYS C 120 22.72 5.43 -13.05
CA CYS C 120 22.05 6.54 -13.73
C CYS C 120 22.95 7.60 -14.33
N GLY C 121 24.14 7.22 -14.77
CA GLY C 121 25.04 8.17 -15.38
C GLY C 121 24.70 8.26 -16.85
N THR C 122 25.52 8.94 -17.66
CA THR C 122 25.24 9.03 -19.08
C THR C 122 25.52 7.68 -19.75
N ALA C 123 25.13 7.57 -21.01
CA ALA C 123 25.36 6.33 -21.75
C ALA C 123 26.84 6.18 -22.06
N ASN C 124 27.60 7.25 -21.93
CA ASN C 124 29.03 7.21 -22.18
C ASN C 124 29.85 7.09 -20.91
N THR C 125 29.19 6.88 -19.78
CA THR C 125 29.87 6.73 -18.51
C THR C 125 30.08 5.24 -18.23
N THR C 126 31.32 4.84 -17.95
CA THR C 126 31.60 3.43 -17.66
C THR C 126 32.00 3.24 -16.22
N LEU C 127 31.90 2.00 -15.74
CA LEU C 127 32.23 1.70 -14.36
C LEU C 127 32.10 0.22 -14.03
N LYS C 128 32.95 -0.25 -13.12
CA LYS C 128 32.89 -1.63 -12.65
C LYS C 128 32.89 -1.52 -11.14
N VAL C 129 31.94 -2.20 -10.50
CA VAL C 129 31.77 -2.13 -9.07
C VAL C 129 31.68 -3.52 -8.46
N LEU C 130 32.14 -3.67 -7.22
CA LEU C 130 32.06 -4.96 -6.55
C LEU C 130 31.06 -4.88 -5.40
N LEU C 131 30.01 -5.70 -5.49
CA LEU C 131 28.98 -5.74 -4.44
C LEU C 131 29.20 -7.01 -3.65
N ALA C 132 29.45 -6.86 -2.35
CA ALA C 132 29.73 -8.01 -1.51
C ALA C 132 28.85 -8.21 -0.29
N TYR C 133 28.59 -9.48 0.02
CA TYR C 133 27.82 -9.86 1.20
C TYR C 133 28.74 -10.57 2.17
N THR C 134 28.83 -10.06 3.39
CA THR C 134 29.69 -10.66 4.39
C THR C 134 28.87 -11.42 5.43
N PRO C 135 28.98 -12.76 5.44
CA PRO C 135 28.24 -13.57 6.41
C PRO C 135 28.67 -13.16 7.83
N PRO C 136 27.81 -13.41 8.83
CA PRO C 136 28.08 -13.07 10.24
C PRO C 136 29.32 -13.71 10.84
N GLY C 137 29.61 -13.36 12.10
CA GLY C 137 30.75 -13.91 12.80
C GLY C 137 32.04 -13.15 12.58
N ILE C 138 31.93 -11.98 11.95
CA ILE C 138 33.10 -11.17 11.67
C ILE C 138 32.66 -9.71 11.50
N GLY C 139 33.58 -8.78 11.65
CA GLY C 139 33.23 -7.38 11.50
C GLY C 139 33.02 -7.02 10.03
N LYS C 140 32.52 -5.83 9.75
CA LYS C 140 32.33 -5.45 8.37
C LYS C 140 33.72 -5.33 7.72
N PRO C 141 33.86 -5.75 6.44
CA PRO C 141 35.16 -5.66 5.79
C PRO C 141 35.71 -4.24 5.76
N ARG C 142 37.01 -4.11 5.99
CA ARG C 142 37.66 -2.81 6.00
C ARG C 142 38.35 -2.47 4.68
N SER C 143 38.29 -3.39 3.74
CA SER C 143 38.90 -3.18 2.43
C SER C 143 38.23 -4.05 1.39
N ARG C 144 38.47 -3.74 0.12
CA ARG C 144 37.89 -4.52 -0.97
C ARG C 144 38.40 -5.96 -0.92
N LYS C 145 39.69 -6.14 -0.64
CA LYS C 145 40.23 -7.49 -0.59
C LYS C 145 39.51 -8.31 0.47
N GLU C 146 39.33 -7.70 1.63
CA GLU C 146 38.66 -8.37 2.73
C GLU C 146 37.20 -8.68 2.39
N ALA C 147 36.56 -7.77 1.65
CA ALA C 147 35.16 -7.94 1.26
C ALA C 147 34.93 -9.00 0.20
N MET C 148 35.78 -9.02 -0.82
CA MET C 148 35.61 -9.98 -1.92
C MET C 148 35.85 -11.44 -1.53
N LEU C 149 36.26 -11.69 -0.29
CA LEU C 149 36.47 -13.05 0.16
C LEU C 149 35.14 -13.70 0.49
N GLY C 150 34.09 -12.87 0.58
CA GLY C 150 32.76 -13.38 0.88
C GLY C 150 31.94 -13.49 -0.40
N THR C 151 30.63 -13.59 -0.28
CA THR C 151 29.76 -13.70 -1.45
C THR C 151 29.75 -12.35 -2.17
N HIS C 152 29.91 -12.34 -3.49
CA HIS C 152 29.93 -11.08 -4.21
C HIS C 152 29.68 -11.16 -5.71
N VAL C 153 29.34 -10.02 -6.28
CA VAL C 153 29.08 -9.89 -7.71
C VAL C 153 29.91 -8.73 -8.23
N VAL C 154 30.57 -8.93 -9.37
CA VAL C 154 31.33 -7.83 -9.97
C VAL C 154 30.41 -7.35 -11.06
N TRP C 155 29.98 -6.10 -10.93
CA TRP C 155 29.04 -5.48 -11.86
C TRP C 155 29.68 -4.57 -12.89
N ASP C 156 29.46 -4.88 -14.17
CA ASP C 156 29.98 -4.06 -15.25
C ASP C 156 28.83 -3.25 -15.85
N VAL C 157 28.91 -1.93 -15.75
CA VAL C 157 27.88 -1.07 -16.29
C VAL C 157 27.90 -1.08 -17.83
N GLY C 158 26.73 -1.23 -18.43
CA GLY C 158 26.63 -1.26 -19.88
C GLY C 158 25.21 -1.01 -20.36
N LEU C 159 24.83 -1.58 -21.50
CA LEU C 159 23.48 -1.38 -22.03
C LEU C 159 22.41 -1.71 -20.99
N GLN C 160 22.61 -2.78 -20.24
CA GLN C 160 21.67 -3.14 -19.19
C GLN C 160 22.11 -2.34 -17.98
N SER C 161 21.24 -1.48 -17.50
CA SER C 161 21.53 -0.59 -16.39
C SER C 161 21.46 -1.16 -14.99
N THR C 162 20.81 -2.31 -14.82
CA THR C 162 20.64 -2.86 -13.49
C THR C 162 21.31 -4.22 -13.23
N VAL C 163 21.81 -4.39 -12.01
CA VAL C 163 22.45 -5.64 -11.60
C VAL C 163 21.77 -6.09 -10.31
N SER C 164 21.85 -7.40 -10.02
CA SER C 164 21.26 -7.94 -8.81
C SER C 164 22.23 -8.80 -8.04
N LEU C 165 22.27 -8.60 -6.73
CA LEU C 165 23.12 -9.37 -5.85
C LEU C 165 22.17 -10.12 -4.93
N VAL C 166 22.31 -11.43 -4.86
CA VAL C 166 21.44 -12.20 -3.99
C VAL C 166 22.17 -12.50 -2.69
N VAL C 167 21.57 -12.11 -1.58
CA VAL C 167 22.15 -12.39 -0.27
C VAL C 167 21.51 -13.72 0.12
N PRO C 168 22.23 -14.83 -0.05
CA PRO C 168 21.76 -16.18 0.27
C PRO C 168 21.44 -16.33 1.74
N TRP C 169 20.49 -17.21 2.05
CA TRP C 169 20.16 -17.43 3.44
C TRP C 169 21.27 -18.30 4.02
N ILE C 170 22.12 -17.68 4.81
CA ILE C 170 23.22 -18.38 5.46
C ILE C 170 23.10 -18.09 6.94
N SER C 171 22.45 -19.00 7.64
CA SER C 171 22.20 -18.84 9.07
C SER C 171 22.38 -20.15 9.80
N ALA C 172 22.56 -20.08 11.11
CA ALA C 172 22.71 -21.29 11.90
C ALA C 172 21.31 -21.87 12.10
N SER C 173 20.39 -21.00 12.50
CA SER C 173 19.00 -21.38 12.76
C SER C 173 18.12 -21.18 11.54
N GLN C 174 17.02 -21.94 11.46
CA GLN C 174 16.12 -21.84 10.31
C GLN C 174 15.50 -20.45 10.14
N TYR C 175 15.37 -19.69 11.23
CA TYR C 175 14.82 -18.33 11.16
C TYR C 175 15.67 -17.36 11.97
N ARG C 176 15.37 -16.07 11.84
CA ARG C 176 16.06 -15.02 12.57
C ARG C 176 15.00 -14.04 13.05
N PHE C 177 15.33 -13.22 14.05
CA PHE C 177 14.41 -12.21 14.53
C PHE C 177 14.47 -11.03 13.58
N THR C 178 13.34 -10.38 13.35
CA THR C 178 13.32 -9.23 12.45
C THR C 178 13.85 -7.99 13.16
N THR C 179 13.69 -7.94 14.48
CA THR C 179 14.17 -6.79 15.23
C THR C 179 15.67 -6.89 15.49
N PRO C 180 16.37 -5.74 15.52
CA PRO C 180 17.82 -5.70 15.78
C PRO C 180 18.24 -6.45 17.07
N ASP C 181 18.62 -7.72 16.88
CA ASP C 181 19.03 -8.66 17.95
C ASP C 181 20.33 -9.32 17.48
N THR C 182 21.46 -8.96 18.09
CA THR C 182 22.78 -9.50 17.70
C THR C 182 22.82 -10.96 17.26
N TYR C 183 22.51 -11.90 18.17
CA TYR C 183 22.52 -13.36 17.88
C TYR C 183 22.08 -13.68 16.44
N SER C 184 20.96 -13.10 16.00
CA SER C 184 20.47 -13.33 14.65
C SER C 184 20.72 -12.13 13.70
N SER C 185 21.93 -11.57 13.80
CA SER C 185 22.38 -10.45 12.95
C SER C 185 22.96 -11.11 11.69
N ALA C 186 22.35 -10.84 10.54
CA ALA C 186 22.72 -11.48 9.28
C ALA C 186 23.95 -11.09 8.47
N GLY C 187 24.70 -10.07 8.89
CA GLY C 187 25.86 -9.70 8.11
C GLY C 187 25.76 -8.35 7.41
N TYR C 188 26.68 -8.07 6.49
CA TYR C 188 26.69 -6.79 5.80
C TYR C 188 26.76 -6.85 4.29
N ILE C 189 26.42 -5.72 3.66
CA ILE C 189 26.51 -5.56 2.22
C ILE C 189 27.39 -4.34 2.03
N THR C 190 28.47 -4.48 1.29
CA THR C 190 29.35 -3.35 1.05
C THR C 190 29.55 -3.22 -0.46
N CYS C 191 29.91 -2.01 -0.89
CA CYS C 191 30.12 -1.75 -2.31
C CYS C 191 31.46 -1.06 -2.49
N TRP C 192 32.26 -1.54 -3.43
CA TRP C 192 33.58 -0.97 -3.69
C TRP C 192 33.83 -0.79 -5.17
N TYR C 193 34.76 0.10 -5.49
CA TYR C 193 35.11 0.32 -6.88
C TYR C 193 35.97 -0.86 -7.33
N GLN C 194 35.59 -1.53 -8.41
CA GLN C 194 36.38 -2.65 -8.92
C GLN C 194 37.49 -2.06 -9.80
N THR C 195 37.13 -1.05 -10.59
CA THR C 195 38.09 -0.34 -11.45
C THR C 195 37.92 1.15 -11.14
N ASN C 196 37.16 1.85 -11.97
CA ASN C 196 36.91 3.26 -11.73
C ASN C 196 35.74 3.78 -12.55
N PHE C 197 35.33 5.00 -12.24
CA PHE C 197 34.24 5.67 -12.92
C PHE C 197 34.96 6.47 -14.01
N VAL C 198 34.77 6.09 -15.27
CA VAL C 198 35.44 6.79 -16.38
C VAL C 198 34.45 7.44 -17.33
N VAL C 199 34.76 8.65 -17.77
CA VAL C 199 33.92 9.37 -18.70
C VAL C 199 34.78 10.11 -19.71
N PRO C 200 34.23 10.40 -20.89
CA PRO C 200 35.01 11.12 -21.90
C PRO C 200 34.92 12.60 -21.53
N PRO C 201 35.58 13.48 -22.30
CA PRO C 201 35.48 14.89 -21.94
C PRO C 201 34.07 15.47 -22.17
N ASN C 202 33.76 16.58 -21.51
CA ASN C 202 32.45 17.23 -21.64
C ASN C 202 31.30 16.39 -21.14
N THR C 203 31.54 15.60 -20.10
CA THR C 203 30.51 14.74 -19.54
C THR C 203 30.48 14.91 -18.03
N PRO C 204 29.29 14.92 -17.42
CA PRO C 204 29.18 15.07 -15.96
C PRO C 204 30.17 14.18 -15.22
N ASN C 205 30.92 14.76 -14.28
CA ASN C 205 31.91 14.01 -13.51
C ASN C 205 31.38 13.30 -12.28
N THR C 206 30.06 13.15 -12.20
CA THR C 206 29.43 12.45 -11.09
C THR C 206 28.15 11.83 -11.63
N ALA C 207 27.67 10.79 -10.96
CA ALA C 207 26.45 10.12 -11.37
C ALA C 207 25.82 9.46 -10.16
N GLU C 208 24.52 9.22 -10.24
CA GLU C 208 23.79 8.61 -9.15
C GLU C 208 23.52 7.12 -9.40
N MET C 209 23.20 6.42 -8.33
CA MET C 209 22.90 5.01 -8.38
C MET C 209 21.69 4.77 -7.46
N LEU C 210 20.73 3.98 -7.93
CA LEU C 210 19.54 3.68 -7.13
C LEU C 210 19.64 2.25 -6.61
N CYS C 211 19.17 2.02 -5.38
CA CYS C 211 19.23 0.71 -4.76
C CYS C 211 17.85 0.15 -4.42
N PHE C 212 17.62 -1.10 -4.81
CA PHE C 212 16.33 -1.75 -4.57
C PHE C 212 16.51 -3.00 -3.72
N VAL C 213 15.40 -3.49 -3.17
CA VAL C 213 15.41 -4.69 -2.37
C VAL C 213 14.06 -5.39 -2.45
N SER C 214 14.11 -6.72 -2.45
CA SER C 214 12.91 -7.57 -2.50
C SER C 214 13.33 -8.95 -2.03
N GLY C 215 12.37 -9.85 -1.84
CA GLY C 215 12.69 -11.19 -1.38
C GLY C 215 12.64 -12.25 -2.47
N CYS C 216 13.46 -13.29 -2.32
CA CYS C 216 13.50 -14.37 -3.29
C CYS C 216 12.41 -15.39 -3.03
N LYS C 217 12.36 -16.43 -3.86
CA LYS C 217 11.33 -17.47 -3.74
C LYS C 217 11.28 -18.14 -2.38
N ASP C 218 12.37 -18.10 -1.63
CA ASP C 218 12.40 -18.74 -0.33
C ASP C 218 12.15 -17.79 0.84
N PHE C 219 11.86 -16.52 0.55
CA PHE C 219 11.61 -15.55 1.60
C PHE C 219 10.32 -15.89 2.33
N CYS C 220 10.29 -15.68 3.63
CA CYS C 220 9.12 -16.01 4.42
C CYS C 220 9.15 -15.32 5.78
N LEU C 221 7.98 -14.88 6.26
CA LEU C 221 7.86 -14.21 7.55
C LEU C 221 7.00 -15.03 8.51
N ARG C 222 7.20 -14.86 9.81
CA ARG C 222 6.46 -15.65 10.79
C ARG C 222 6.16 -14.90 12.11
N MET C 223 5.09 -15.30 12.79
CA MET C 223 4.65 -14.73 14.07
C MET C 223 4.28 -13.25 14.03
N ALA C 224 3.04 -12.97 13.66
CA ALA C 224 2.54 -11.60 13.55
C ALA C 224 2.68 -10.81 14.85
N ARG C 225 3.04 -9.53 14.73
CA ARG C 225 3.20 -8.64 15.88
C ARG C 225 2.95 -7.21 15.42
N ASP C 226 2.79 -6.29 16.37
CA ASP C 226 2.57 -4.90 16.00
C ASP C 226 3.91 -4.25 15.63
N THR C 227 3.86 -3.25 14.76
CA THR C 227 5.05 -2.58 14.29
C THR C 227 5.51 -1.41 15.16
N ASP C 228 6.80 -1.13 15.12
CA ASP C 228 7.38 -0.02 15.86
C ASP C 228 7.86 1.04 14.86
N LEU C 229 7.40 0.93 13.62
CA LEU C 229 7.78 1.90 12.59
C LEU C 229 6.68 2.93 12.42
N HIS C 230 5.70 2.91 13.32
CA HIS C 230 4.59 3.85 13.28
C HIS C 230 3.93 3.90 14.66
N LYS C 231 3.49 5.08 15.07
CA LYS C 231 2.87 5.22 16.37
C LYS C 231 1.74 6.25 16.39
N GLN C 232 1.11 6.37 17.56
CA GLN C 232 0.02 7.32 17.77
C GLN C 232 0.24 7.92 19.15
N THR C 233 0.51 9.22 19.21
CA THR C 233 0.76 9.85 20.49
C THR C 233 -0.38 10.73 20.99
N GLY C 234 -1.50 10.73 20.28
CA GLY C 234 -2.64 11.53 20.68
C GLY C 234 -3.88 11.05 19.96
N PRO C 235 -5.07 11.56 20.33
CA PRO C 235 -6.28 11.11 19.64
C PRO C 235 -6.35 11.56 18.19
N ILE C 236 -6.89 10.70 17.33
CA ILE C 236 -7.07 11.01 15.92
C ILE C 236 -8.52 11.45 15.86
N THR C 237 -8.73 12.74 15.60
CA THR C 237 -10.07 13.30 15.60
C THR C 237 -10.76 13.54 14.27
N GLN C 238 -12.05 13.78 14.36
CA GLN C 238 -12.90 14.06 13.20
C GLN C 238 -12.48 15.41 12.58
N GLY D 1 -26.20 -26.82 10.60
CA GLY D 1 -25.77 -27.83 9.59
C GLY D 1 -24.27 -27.82 9.34
N ALA D 2 -23.70 -28.98 9.01
CA ALA D 2 -22.26 -29.08 8.78
C ALA D 2 -21.85 -30.14 7.74
N GLN D 3 -20.69 -29.92 7.14
CA GLN D 3 -20.14 -30.82 6.12
C GLN D 3 -19.25 -31.93 6.71
N VAL D 4 -19.75 -33.17 6.63
CA VAL D 4 -19.03 -34.33 7.15
C VAL D 4 -18.22 -35.05 6.06
N SER D 5 -16.95 -35.30 6.35
CA SER D 5 -16.06 -35.99 5.41
C SER D 5 -15.54 -37.26 6.08
N ARG D 6 -15.10 -38.22 5.27
CA ARG D 6 -14.61 -39.50 5.81
C ARG D 6 -13.43 -40.09 5.02
N GLN D 7 -12.52 -40.74 5.75
CA GLN D 7 -11.35 -41.37 5.14
C GLN D 7 -10.66 -42.31 6.12
N SER D 23 -10.58 -44.19 9.72
CA SER D 23 -11.56 -43.15 9.41
C SER D 23 -11.26 -41.88 10.22
N ILE D 24 -11.26 -40.73 9.53
CA ILE D 24 -11.02 -39.45 10.18
C ILE D 24 -12.00 -38.43 9.58
N ASN D 25 -13.14 -38.28 10.26
CA ASN D 25 -14.21 -37.38 9.83
C ASN D 25 -13.95 -35.92 10.20
N TYR D 26 -14.22 -35.01 9.27
CA TYR D 26 -14.03 -33.59 9.52
C TYR D 26 -15.37 -32.87 9.60
N PHE D 27 -15.95 -32.87 10.80
CA PHE D 27 -17.23 -32.20 11.02
C PHE D 27 -17.00 -30.69 11.01
N ASN D 28 -17.27 -30.06 9.86
CA ASN D 28 -17.10 -28.61 9.72
C ASN D 28 -18.44 -27.88 9.95
N ILE D 29 -18.77 -27.69 11.23
CA ILE D 29 -20.03 -27.05 11.61
C ILE D 29 -20.14 -25.55 11.41
N ASN D 30 -21.35 -25.11 11.09
CA ASN D 30 -21.70 -23.72 10.90
C ASN D 30 -22.92 -23.59 11.82
N TYR D 31 -22.71 -23.06 13.02
CA TYR D 31 -23.79 -22.96 14.00
C TYR D 31 -24.91 -21.95 13.77
N PHE D 32 -24.67 -20.96 12.93
CA PHE D 32 -25.69 -19.95 12.68
C PHE D 32 -26.13 -19.95 11.21
N LYS D 33 -27.26 -19.31 10.93
CA LYS D 33 -27.80 -19.29 9.57
C LYS D 33 -27.27 -18.22 8.63
N ASP D 34 -26.19 -17.53 9.00
CA ASP D 34 -25.65 -16.50 8.12
C ASP D 34 -24.16 -16.76 7.85
N ALA D 35 -23.73 -16.45 6.64
CA ALA D 35 -22.35 -16.65 6.25
C ALA D 35 -21.39 -15.78 7.05
N ALA D 36 -21.83 -14.58 7.41
CA ALA D 36 -20.98 -13.67 8.17
C ALA D 36 -20.63 -14.23 9.55
N SER D 37 -21.45 -15.16 10.03
CA SER D 37 -21.25 -15.76 11.34
C SER D 37 -20.09 -16.72 11.49
N SER D 38 -19.68 -17.37 10.41
CA SER D 38 -18.59 -18.33 10.52
C SER D 38 -17.20 -17.74 10.74
N GLY D 39 -16.28 -18.59 11.18
CA GLY D 39 -14.92 -18.18 11.46
C GLY D 39 -14.06 -17.91 10.24
N ALA D 40 -12.77 -17.73 10.48
CA ALA D 40 -11.82 -17.44 9.42
C ALA D 40 -11.93 -18.39 8.23
N SER D 41 -11.69 -17.84 7.04
CA SER D 41 -11.78 -18.61 5.79
C SER D 41 -10.58 -19.51 5.58
N ARG D 42 -10.75 -20.49 4.68
CA ARG D 42 -9.68 -21.42 4.32
C ARG D 42 -8.79 -20.62 3.37
N LEU D 43 -7.53 -21.02 3.25
CA LEU D 43 -6.59 -20.33 2.37
C LEU D 43 -6.53 -21.00 1.00
N ASP D 44 -5.79 -20.37 0.08
CA ASP D 44 -5.64 -20.88 -1.28
C ASP D 44 -6.99 -20.88 -2.00
ZN ZN E . -20.94 -2.87 50.61
O1 W11 F . -16.47 0.90 8.60
N2 W11 F . -15.57 1.44 7.53
C3 W11 F . -15.41 0.46 6.65
CM3 W11 F . -14.54 0.76 5.48
C4 W11 F . -16.12 -0.69 7.05
C5 W11 F . -16.77 -0.42 8.24
C1C W11 F . -17.67 -1.20 9.16
C2C W11 F . -17.14 -1.00 10.56
C3C W11 F . -17.96 -1.76 11.53
O1B W11 F . -18.75 -0.73 12.11
C1B W11 F . -19.95 -1.16 12.77
C2B W11 F . -19.85 -1.50 14.18
CM2 W11 F . -18.54 -1.38 14.82
C3B W11 F . -20.90 -1.96 14.97
C4B W11 F . -22.17 -2.09 14.33
C5B W11 F . -22.43 -1.76 12.93
C6B W11 F . -21.30 -1.28 12.15
CM6 W11 F . -21.64 -0.96 10.68
C2A W11 F . -23.27 -2.61 15.16
N1A W11 F . -24.37 -3.34 14.65
N3A W11 F . -23.32 -2.43 16.56
C3A W11 F . -24.52 -3.10 16.91
CM4 W11 F . -25.00 -3.19 18.32
O1A W11 F . -25.26 -3.70 15.90
F1 W11 F . -23.93 -2.47 18.89
F2 W11 F . -25.07 -4.37 18.97
F3 W11 F . -26.16 -2.51 18.38
#